data_9DZZ
#
_entry.id   9DZZ
#
_cell.length_a   1.00
_cell.length_b   1.00
_cell.length_c   1.00
_cell.angle_alpha   90.00
_cell.angle_beta   90.00
_cell.angle_gamma   90.00
#
_symmetry.space_group_name_H-M   'P 1'
#
loop_
_entity.id
_entity.type
_entity.pdbx_description
1 polymer 'Sec-independent protein translocase protein TatC'
2 polymer 'Sec-independent protein translocase protein TatB'
#
loop_
_entity_poly.entity_id
_entity_poly.type
_entity_poly.pdbx_seq_one_letter_code
_entity_poly.pdbx_strand_id
1 'polypeptide(L)'
;MSVEDTQPLITHLIELRKRLLNCIIAVIVIFLCLVYFANDIYHLVSAPLIKQLPQGSTMIATDVASPFFTPIKLTFMVSL
ILSAPVILYQVWAFIAPALYKHERRLVVPLLVSSSLLFYIGMAFAYFVVFPLAFGFLANTAPEGVQVSTDIASYLSFVMA
LFMAFGVSFEVPVAIVLLCWMGITSPEDLRKKRPYVLVGAFVVGMLLTPPDVFSQTLLAIPMYCLFEIGVFFSRFYVGKG
RNREEENDAEAESEKTEERSHHHHHH
;
A,E,C
2 'polypeptide(L)'
;MFDIGFSELLLVFIIGLVVLGPQRLPVAVKTVAGWIRALRSLATTVQNELTQELKLQEFQDSLKKVEKASLTNLTPELKA
SMDELRQAAESMKRSYVANDPEKASDEAHTIHNPVVKDNEAAHEGVTPAAAQTQASSPEQKPETTPEPVVKPAADAEPKT
AAPSPSSSDKP
;
B,F,D
#
# COMPACT_ATOMS: atom_id res chain seq x y z
N THR A 6 -30.85 -18.37 20.91
CA THR A 6 -31.51 -17.09 20.69
C THR A 6 -30.86 -15.99 21.52
N GLN A 7 -31.69 -15.10 22.07
CA GLN A 7 -31.27 -13.99 22.94
C GLN A 7 -30.46 -12.96 22.16
N PRO A 8 -30.27 -11.75 22.68
CA PRO A 8 -29.54 -10.71 21.94
C PRO A 8 -28.13 -11.14 21.57
N LEU A 9 -27.53 -10.36 20.68
CA LEU A 9 -26.24 -10.57 20.02
C LEU A 9 -26.28 -11.72 19.02
N ILE A 10 -27.40 -12.45 18.92
CA ILE A 10 -27.62 -13.40 17.84
C ILE A 10 -28.78 -12.97 16.95
N THR A 11 -29.87 -12.50 17.54
CA THR A 11 -30.95 -11.91 16.76
C THR A 11 -30.54 -10.57 16.17
N HIS A 12 -29.60 -9.88 16.81
CA HIS A 12 -29.11 -8.61 16.26
C HIS A 12 -28.39 -8.82 14.93
N LEU A 13 -27.55 -9.85 14.85
CA LEU A 13 -26.91 -10.17 13.58
C LEU A 13 -27.88 -10.83 12.61
N ILE A 14 -28.94 -11.47 13.11
CA ILE A 14 -30.01 -11.94 12.22
C ILE A 14 -30.67 -10.76 11.54
N GLU A 15 -30.96 -9.69 12.30
CA GLU A 15 -31.51 -8.50 11.70
C GLU A 15 -30.51 -7.82 10.77
N LEU A 16 -29.25 -7.72 11.20
CA LEU A 16 -28.23 -7.08 10.37
C LEU A 16 -28.01 -7.86 9.08
N ARG A 17 -28.11 -9.19 9.15
CA ARG A 17 -27.99 -10.00 7.94
C ARG A 17 -29.09 -9.66 6.94
N LYS A 18 -30.32 -9.51 7.42
CA LYS A 18 -31.42 -9.13 6.54
C LYS A 18 -31.22 -7.73 5.96
N ARG A 19 -30.81 -6.78 6.80
CA ARG A 19 -30.57 -5.42 6.32
C ARG A 19 -29.42 -5.38 5.33
N LEU A 20 -28.35 -6.14 5.60
CA LEU A 20 -27.23 -6.20 4.67
C LEU A 20 -27.66 -6.81 3.34
N LEU A 21 -28.54 -7.82 3.38
CA LEU A 21 -29.05 -8.41 2.14
C LEU A 21 -29.84 -7.38 1.33
N ASN A 22 -30.67 -6.58 1.99
CA ASN A 22 -31.47 -5.59 1.29
C ASN A 22 -30.58 -4.54 0.62
N CYS A 23 -29.52 -4.12 1.31
CA CYS A 23 -28.56 -3.20 0.69
C CYS A 23 -27.86 -3.85 -0.50
N ILE A 24 -27.51 -5.12 -0.37
CA ILE A 24 -26.84 -5.84 -1.47
C ILE A 24 -27.79 -5.98 -2.66
N ILE A 25 -29.04 -6.35 -2.40
CA ILE A 25 -30.02 -6.50 -3.48
C ILE A 25 -30.26 -5.16 -4.17
N ALA A 26 -30.37 -4.08 -3.38
CA ALA A 26 -30.61 -2.76 -3.97
C ALA A 26 -29.44 -2.34 -4.86
N VAL A 27 -28.20 -2.58 -4.40
CA VAL A 27 -27.04 -2.23 -5.20
C VAL A 27 -27.00 -3.05 -6.49
N ILE A 28 -27.25 -4.35 -6.39
CA ILE A 28 -27.17 -5.23 -7.55
C ILE A 28 -28.26 -4.88 -8.57
N VAL A 29 -29.48 -4.63 -8.10
CA VAL A 29 -30.59 -4.35 -9.01
C VAL A 29 -30.33 -3.08 -9.80
N ILE A 30 -29.90 -2.02 -9.12
CA ILE A 30 -29.60 -0.76 -9.81
C ILE A 30 -28.41 -0.94 -10.73
N PHE A 31 -27.40 -1.69 -10.29
CA PHE A 31 -26.23 -1.92 -11.14
C PHE A 31 -26.60 -2.67 -12.41
N LEU A 32 -27.46 -3.68 -12.29
CA LEU A 32 -27.86 -4.46 -13.47
C LEU A 32 -28.67 -3.60 -14.44
N CYS A 33 -29.49 -2.70 -13.93
CA CYS A 33 -30.26 -1.82 -14.80
C CYS A 33 -29.35 -0.88 -15.58
N LEU A 34 -28.32 -0.35 -14.94
CA LEU A 34 -27.40 0.59 -15.55
C LEU A 34 -26.17 -0.06 -16.17
N VAL A 35 -26.05 -1.39 -16.09
CA VAL A 35 -24.85 -2.05 -16.60
C VAL A 35 -24.79 -1.95 -18.13
N TYR A 36 -25.94 -1.89 -18.80
CA TYR A 36 -25.93 -1.81 -20.26
C TYR A 36 -25.44 -0.43 -20.73
N PHE A 37 -25.85 0.63 -20.03
CA PHE A 37 -25.43 1.99 -20.38
C PHE A 37 -24.16 2.38 -19.62
N ALA A 38 -23.13 1.52 -19.69
CA ALA A 38 -21.91 1.80 -18.96
C ALA A 38 -21.13 2.94 -19.59
N ASN A 39 -21.03 2.95 -20.93
CA ASN A 39 -20.33 4.02 -21.62
C ASN A 39 -21.13 5.31 -21.65
N ASP A 40 -22.46 5.22 -21.65
CA ASP A 40 -23.28 6.42 -21.69
C ASP A 40 -23.09 7.27 -20.45
N ILE A 41 -23.05 6.65 -19.28
CA ILE A 41 -22.77 7.39 -18.04
C ILE A 41 -21.32 7.88 -18.03
N TYR A 42 -20.41 7.08 -18.58
CA TYR A 42 -19.01 7.51 -18.68
C TYR A 42 -18.87 8.72 -19.60
N HIS A 43 -19.64 8.74 -20.69
CA HIS A 43 -19.63 9.91 -21.57
C HIS A 43 -20.12 11.15 -20.83
N LEU A 44 -21.16 11.00 -20.02
CA LEU A 44 -21.63 12.12 -19.20
C LEU A 44 -20.57 12.54 -18.19
N VAL A 45 -19.92 11.56 -17.55
CA VAL A 45 -18.89 11.87 -16.56
C VAL A 45 -17.68 12.53 -17.22
N SER A 46 -17.27 12.02 -18.37
CA SER A 46 -16.09 12.54 -19.07
C SER A 46 -16.39 13.76 -19.93
N ALA A 47 -17.66 14.11 -20.10
CA ALA A 47 -17.99 15.28 -20.91
C ALA A 47 -17.36 16.58 -20.40
N PRO A 48 -17.39 16.90 -19.10
CA PRO A 48 -16.70 18.13 -18.67
C PRO A 48 -15.22 18.16 -19.01
N LEU A 49 -14.54 17.02 -18.93
CA LEU A 49 -13.11 16.98 -19.28
C LEU A 49 -12.90 17.04 -20.78
N ILE A 50 -13.75 16.36 -21.55
CA ILE A 50 -13.59 16.33 -23.01
C ILE A 50 -13.75 17.73 -23.58
N LYS A 51 -14.72 18.50 -23.05
CA LYS A 51 -14.97 19.84 -23.57
C LYS A 51 -13.77 20.76 -23.34
N GLN A 52 -13.11 20.64 -22.19
CA GLN A 52 -12.00 21.49 -21.84
C GLN A 52 -10.64 20.91 -22.20
N LEU A 53 -10.60 19.74 -22.81
CA LEU A 53 -9.33 19.15 -23.22
C LEU A 53 -8.68 20.00 -24.31
N PRO A 54 -7.36 20.16 -24.28
CA PRO A 54 -6.70 20.95 -25.33
C PRO A 54 -6.81 20.28 -26.68
N GLN A 55 -6.71 21.09 -27.73
CA GLN A 55 -6.79 20.58 -29.09
C GLN A 55 -5.69 19.56 -29.33
N GLY A 56 -6.07 18.42 -29.90
CA GLY A 56 -5.15 17.33 -30.13
C GLY A 56 -5.00 16.38 -28.96
N SER A 57 -5.54 16.72 -27.80
CA SER A 57 -5.45 15.89 -26.60
C SER A 57 -6.76 15.15 -26.39
N THR A 58 -6.68 13.83 -26.24
CA THR A 58 -7.82 12.97 -25.98
C THR A 58 -7.60 12.20 -24.69
N MET A 59 -8.52 11.30 -24.38
CA MET A 59 -8.41 10.42 -23.24
C MET A 59 -7.81 9.08 -23.67
N ILE A 60 -7.01 8.49 -22.77
CA ILE A 60 -6.27 7.28 -23.08
C ILE A 60 -6.57 6.22 -22.03
N ALA A 61 -6.24 4.98 -22.37
CA ALA A 61 -6.44 3.83 -21.47
C ALA A 61 -5.14 3.04 -21.41
N THR A 62 -4.35 3.29 -20.37
CA THR A 62 -3.07 2.61 -20.19
C THR A 62 -3.21 1.21 -19.62
N ASP A 63 -4.36 0.87 -19.05
CA ASP A 63 -4.59 -0.46 -18.49
C ASP A 63 -5.29 -1.34 -19.52
N VAL A 64 -4.93 -2.63 -19.51
CA VAL A 64 -5.46 -3.56 -20.51
C VAL A 64 -6.97 -3.70 -20.38
N ALA A 65 -7.47 -3.85 -19.16
CA ALA A 65 -8.90 -4.02 -18.91
C ALA A 65 -9.61 -2.71 -18.59
N SER A 66 -8.90 -1.58 -18.64
CA SER A 66 -9.55 -0.29 -18.40
C SER A 66 -10.68 0.02 -19.37
N PRO A 67 -10.57 -0.23 -20.69
CA PRO A 67 -11.68 0.13 -21.58
C PRO A 67 -13.01 -0.51 -21.20
N PHE A 68 -12.98 -1.69 -20.58
CA PHE A 68 -14.20 -2.39 -20.18
C PHE A 68 -14.54 -2.25 -18.71
N PHE A 69 -13.54 -2.35 -17.83
CA PHE A 69 -13.82 -2.37 -16.39
C PHE A 69 -14.15 -0.99 -15.85
N THR A 70 -13.48 0.05 -16.36
CA THR A 70 -13.69 1.39 -15.82
C THR A 70 -15.12 1.88 -16.02
N PRO A 71 -15.75 1.76 -17.20
CA PRO A 71 -17.19 2.03 -17.27
C PRO A 71 -18.02 1.11 -16.38
N ILE A 72 -17.61 -0.15 -16.25
CA ILE A 72 -18.31 -1.06 -15.34
C ILE A 72 -18.13 -0.62 -13.89
N LYS A 73 -16.91 -0.19 -13.54
CA LYS A 73 -16.65 0.28 -12.19
C LYS A 73 -17.49 1.51 -11.86
N LEU A 74 -17.60 2.45 -12.81
CA LEU A 74 -18.36 3.68 -12.57
C LEU A 74 -19.82 3.36 -12.27
N THR A 75 -20.42 2.46 -13.05
CA THR A 75 -21.82 2.10 -12.81
C THR A 75 -22.01 1.44 -11.45
N PHE A 76 -21.01 0.69 -10.97
CA PHE A 76 -21.09 0.09 -9.65
C PHE A 76 -21.14 1.16 -8.56
N MET A 77 -20.24 2.14 -8.64
CA MET A 77 -20.25 3.22 -7.66
C MET A 77 -21.47 4.13 -7.83
N VAL A 78 -21.93 4.31 -9.06
CA VAL A 78 -23.15 5.09 -9.28
C VAL A 78 -24.34 4.40 -8.63
N SER A 79 -24.39 3.06 -8.72
CA SER A 79 -25.44 2.32 -8.04
C SER A 79 -25.34 2.48 -6.53
N LEU A 80 -24.11 2.56 -6.00
CA LEU A 80 -23.94 2.77 -4.57
C LEU A 80 -24.52 4.11 -4.12
N ILE A 81 -24.26 5.18 -4.88
CA ILE A 81 -24.80 6.48 -4.52
C ILE A 81 -26.31 6.50 -4.72
N LEU A 82 -26.80 5.86 -5.79
CA LEU A 82 -28.23 5.81 -6.04
C LEU A 82 -28.96 5.02 -4.96
N SER A 83 -28.34 3.95 -4.47
CA SER A 83 -28.93 3.11 -3.43
C SER A 83 -28.59 3.59 -2.02
N ALA A 84 -27.90 4.72 -1.89
CA ALA A 84 -27.58 5.25 -0.56
C ALA A 84 -28.81 5.49 0.30
N PRO A 85 -29.92 6.06 -0.21
CA PRO A 85 -31.12 6.14 0.64
C PRO A 85 -31.60 4.79 1.14
N VAL A 86 -31.49 3.74 0.31
CA VAL A 86 -31.86 2.40 0.76
C VAL A 86 -30.87 1.90 1.80
N ILE A 87 -29.57 2.12 1.57
CA ILE A 87 -28.56 1.69 2.53
C ILE A 87 -28.73 2.40 3.86
N LEU A 88 -28.95 3.71 3.82
CA LEU A 88 -29.11 4.48 5.05
C LEU A 88 -30.38 4.11 5.79
N TYR A 89 -31.44 3.74 5.06
CA TYR A 89 -32.68 3.32 5.70
C TYR A 89 -32.47 2.06 6.53
N GLN A 90 -31.76 1.07 5.98
CA GLN A 90 -31.56 -0.19 6.70
C GLN A 90 -30.65 0.01 7.91
N VAL A 91 -29.64 0.87 7.80
CA VAL A 91 -28.79 1.17 8.95
C VAL A 91 -29.62 1.85 10.05
N TRP A 92 -30.48 2.80 9.66
CA TRP A 92 -31.35 3.44 10.63
C TRP A 92 -32.33 2.44 11.24
N ALA A 93 -32.89 1.55 10.41
CA ALA A 93 -33.84 0.57 10.91
C ALA A 93 -33.19 -0.39 11.89
N PHE A 94 -31.94 -0.78 11.63
CA PHE A 94 -31.25 -1.68 12.55
C PHE A 94 -30.97 -1.01 13.89
N ILE A 95 -30.77 0.31 13.89
CA ILE A 95 -30.57 1.06 15.12
C ILE A 95 -31.84 1.76 15.59
N ALA A 96 -32.95 1.58 14.88
CA ALA A 96 -34.22 2.17 15.29
C ALA A 96 -34.70 1.69 16.65
N PRO A 97 -34.68 0.39 16.99
CA PRO A 97 -35.15 -0.02 18.32
C PRO A 97 -34.36 0.60 19.46
N ALA A 98 -33.09 0.94 19.23
CA ALA A 98 -32.28 1.61 20.24
C ALA A 98 -32.56 3.11 20.32
N LEU A 99 -33.38 3.64 19.42
CA LEU A 99 -33.73 5.06 19.40
C LEU A 99 -35.22 5.27 19.65
N TYR A 100 -35.75 4.54 20.62
CA TYR A 100 -37.16 4.67 21.01
C TYR A 100 -37.38 5.84 21.97
N LYS A 101 -36.34 6.61 22.28
CA LYS A 101 -36.40 7.72 23.22
C LYS A 101 -37.01 8.97 22.63
N HIS A 102 -37.77 8.83 21.53
CA HIS A 102 -38.47 9.88 20.79
C HIS A 102 -37.51 10.70 19.93
N GLU A 103 -36.22 10.35 19.88
CA GLU A 103 -35.31 10.94 18.91
C GLU A 103 -35.47 10.35 17.52
N ARG A 104 -36.26 9.27 17.39
CA ARG A 104 -36.50 8.67 16.08
C ARG A 104 -37.25 9.63 15.16
N ARG A 105 -38.16 10.42 15.72
CA ARG A 105 -38.95 11.34 14.91
C ARG A 105 -38.06 12.38 14.23
N LEU A 106 -37.06 12.90 14.94
CA LEU A 106 -36.20 13.94 14.37
C LEU A 106 -35.27 13.39 13.30
N VAL A 107 -34.79 12.15 13.45
CA VAL A 107 -33.78 11.64 12.54
C VAL A 107 -34.37 11.13 11.22
N VAL A 108 -35.67 10.88 11.16
CA VAL A 108 -36.27 10.43 9.90
C VAL A 108 -36.16 11.47 8.81
N PRO A 109 -36.49 12.75 9.02
CA PRO A 109 -36.23 13.75 7.97
C PRO A 109 -34.76 14.12 7.88
N LEU A 110 -34.02 14.08 8.99
CA LEU A 110 -32.62 14.48 8.98
C LEU A 110 -31.79 13.60 8.06
N LEU A 111 -32.00 12.28 8.12
CA LEU A 111 -31.32 11.39 7.19
C LEU A 111 -31.80 11.62 5.75
N VAL A 112 -33.10 11.88 5.59
CA VAL A 112 -33.62 12.20 4.26
C VAL A 112 -33.03 13.51 3.76
N SER A 113 -33.01 14.54 4.62
CA SER A 113 -32.44 15.83 4.24
C SER A 113 -30.94 15.73 3.98
N SER A 114 -30.26 14.78 4.63
CA SER A 114 -28.85 14.55 4.37
C SER A 114 -28.59 13.86 3.04
N SER A 115 -29.64 13.37 2.37
CA SER A 115 -29.45 12.70 1.09
C SER A 115 -29.42 13.69 -0.07
N LEU A 116 -30.30 14.69 -0.05
CA LEU A 116 -30.29 15.70 -1.10
C LEU A 116 -29.00 16.52 -1.06
N LEU A 117 -28.53 16.84 0.14
CA LEU A 117 -27.31 17.63 0.28
C LEU A 117 -26.11 16.93 -0.37
N PHE A 118 -26.06 15.60 -0.26
CA PHE A 118 -25.03 14.85 -0.96
C PHE A 118 -25.19 14.98 -2.47
N TYR A 119 -26.43 14.93 -2.96
CA TYR A 119 -26.67 15.02 -4.40
C TYR A 119 -26.50 16.45 -4.91
N ILE A 120 -26.89 17.44 -4.10
CA ILE A 120 -26.69 18.84 -4.50
C ILE A 120 -25.20 19.14 -4.61
N GLY A 121 -24.40 18.62 -3.68
CA GLY A 121 -22.95 18.80 -3.77
C GLY A 121 -22.36 18.14 -5.01
N MET A 122 -22.85 16.95 -5.34
CA MET A 122 -22.42 16.29 -6.58
C MET A 122 -22.83 17.10 -7.81
N ALA A 123 -24.07 17.61 -7.81
CA ALA A 123 -24.52 18.45 -8.91
C ALA A 123 -23.71 19.74 -8.99
N PHE A 124 -23.40 20.34 -7.83
CA PHE A 124 -22.60 21.54 -7.82
C PHE A 124 -21.20 21.28 -8.37
N ALA A 125 -20.60 20.15 -7.99
CA ALA A 125 -19.28 19.80 -8.51
C ALA A 125 -19.32 19.54 -10.01
N TYR A 126 -20.34 18.83 -10.47
CA TYR A 126 -20.42 18.48 -11.89
C TYR A 126 -20.68 19.69 -12.77
N PHE A 127 -21.59 20.57 -12.33
CA PHE A 127 -22.05 21.66 -13.18
C PHE A 127 -21.24 22.95 -13.03
N VAL A 128 -20.73 23.22 -11.83
CA VAL A 128 -20.04 24.47 -11.55
C VAL A 128 -18.54 24.27 -11.46
N VAL A 129 -18.10 23.26 -10.70
CA VAL A 129 -16.68 23.11 -10.42
C VAL A 129 -15.97 22.35 -11.55
N PHE A 130 -16.59 21.29 -12.06
CA PHE A 130 -15.94 20.48 -13.09
C PHE A 130 -15.58 21.29 -14.34
N PRO A 131 -16.47 22.10 -14.93
CA PRO A 131 -16.03 22.93 -16.06
C PRO A 131 -14.92 23.89 -15.70
N LEU A 132 -14.94 24.45 -14.49
CA LEU A 132 -13.92 25.41 -14.07
C LEU A 132 -12.59 24.72 -13.76
N ALA A 133 -12.63 23.59 -13.07
CA ALA A 133 -11.41 22.89 -12.71
C ALA A 133 -10.72 22.30 -13.92
N PHE A 134 -11.48 21.59 -14.77
CA PHE A 134 -10.89 20.98 -15.95
C PHE A 134 -10.44 22.01 -16.96
N GLY A 135 -11.15 23.14 -17.06
CA GLY A 135 -10.71 24.21 -17.94
C GLY A 135 -9.37 24.80 -17.57
N PHE A 136 -9.00 24.72 -16.30
CA PHE A 136 -7.70 25.19 -15.81
C PHE A 136 -6.66 24.09 -15.78
N LEU A 137 -7.02 22.92 -15.23
CA LEU A 137 -6.04 21.84 -15.09
C LEU A 137 -5.56 21.34 -16.44
N ALA A 138 -6.47 21.22 -17.42
CA ALA A 138 -6.08 20.70 -18.72
C ALA A 138 -5.16 21.67 -19.46
N ASN A 139 -5.53 22.95 -19.49
CA ASN A 139 -4.76 23.95 -20.23
C ASN A 139 -3.75 24.68 -19.34
N THR A 140 -2.98 23.91 -18.57
CA THR A 140 -1.90 24.47 -17.76
C THR A 140 -0.65 23.61 -17.77
N ALA A 141 -0.58 22.61 -18.63
CA ALA A 141 0.56 21.70 -18.65
C ALA A 141 1.82 22.43 -19.09
N PRO A 142 2.99 21.98 -18.62
CA PRO A 142 4.25 22.59 -19.06
C PRO A 142 4.46 22.39 -20.55
N GLU A 143 5.35 23.23 -21.10
CA GLU A 143 5.63 23.17 -22.53
C GLU A 143 6.23 21.83 -22.90
N GLY A 144 5.76 21.26 -24.00
CA GLY A 144 6.20 19.95 -24.44
C GLY A 144 5.52 18.79 -23.76
N VAL A 145 4.51 19.04 -22.93
CA VAL A 145 3.79 18.00 -22.21
C VAL A 145 2.41 17.86 -22.84
N GLN A 146 2.08 16.63 -23.25
CA GLN A 146 0.80 16.33 -23.90
C GLN A 146 -0.16 15.78 -22.85
N VAL A 147 -1.30 16.43 -22.69
CA VAL A 147 -2.27 16.01 -21.69
C VAL A 147 -3.06 14.81 -22.23
N SER A 148 -2.61 13.61 -21.89
CA SER A 148 -3.26 12.37 -22.30
C SER A 148 -3.85 11.75 -21.03
N THR A 149 -5.06 12.16 -20.68
CA THR A 149 -5.65 11.75 -19.41
C THR A 149 -6.10 10.30 -19.47
N ASP A 150 -5.63 9.51 -18.50
CA ASP A 150 -6.03 8.12 -18.39
C ASP A 150 -7.46 8.03 -17.87
N ILE A 151 -8.26 7.14 -18.48
CA ILE A 151 -9.65 7.01 -18.08
C ILE A 151 -9.75 6.37 -16.70
N ALA A 152 -8.81 5.49 -16.33
CA ALA A 152 -8.83 4.89 -15.01
C ALA A 152 -8.51 5.92 -13.92
N SER A 153 -7.51 6.77 -14.17
CA SER A 153 -7.17 7.80 -13.19
C SER A 153 -8.23 8.89 -13.14
N TYR A 154 -8.94 9.12 -14.24
CA TYR A 154 -9.99 10.14 -14.25
C TYR A 154 -11.16 9.72 -13.36
N LEU A 155 -11.49 8.43 -13.34
CA LEU A 155 -12.58 7.97 -12.49
C LEU A 155 -12.26 8.19 -11.01
N SER A 156 -11.03 7.88 -10.60
CA SER A 156 -10.64 8.11 -9.21
C SER A 156 -10.68 9.60 -8.87
N PHE A 157 -10.22 10.45 -9.77
CA PHE A 157 -10.29 11.90 -9.55
C PHE A 157 -11.72 12.38 -9.48
N VAL A 158 -12.57 11.89 -10.39
CA VAL A 158 -13.97 12.31 -10.41
C VAL A 158 -14.70 11.81 -9.16
N MET A 159 -14.48 10.56 -8.78
CA MET A 159 -15.16 10.00 -7.61
C MET A 159 -14.74 10.70 -6.32
N ALA A 160 -13.46 11.03 -6.20
CA ALA A 160 -13.00 11.73 -5.00
C ALA A 160 -13.63 13.12 -4.89
N LEU A 161 -13.73 13.83 -6.01
CA LEU A 161 -14.34 15.16 -6.00
C LEU A 161 -15.81 15.08 -5.66
N PHE A 162 -16.52 14.08 -6.20
CA PHE A 162 -17.93 13.90 -5.86
C PHE A 162 -18.10 13.59 -4.38
N MET A 163 -17.24 12.71 -3.84
CA MET A 163 -17.29 12.41 -2.41
C MET A 163 -16.92 13.64 -1.58
N ALA A 164 -15.92 14.39 -2.02
CA ALA A 164 -15.49 15.56 -1.26
C ALA A 164 -16.57 16.63 -1.20
N PHE A 165 -17.23 16.89 -2.32
CA PHE A 165 -18.24 17.96 -2.35
C PHE A 165 -19.54 17.53 -1.68
N GLY A 166 -19.92 16.26 -1.80
CA GLY A 166 -21.09 15.79 -1.09
C GLY A 166 -20.90 15.84 0.41
N VAL A 167 -19.72 15.44 0.89
CA VAL A 167 -19.40 15.57 2.31
C VAL A 167 -19.28 17.05 2.69
N SER A 168 -18.74 17.87 1.78
CA SER A 168 -18.53 19.28 2.09
C SER A 168 -19.85 20.00 2.34
N PHE A 169 -20.90 19.64 1.60
CA PHE A 169 -22.17 20.34 1.75
C PHE A 169 -22.85 19.98 3.06
N GLU A 170 -22.67 18.76 3.55
CA GLU A 170 -23.34 18.32 4.76
C GLU A 170 -22.73 18.92 6.03
N VAL A 171 -21.43 19.24 5.99
CA VAL A 171 -20.74 19.65 7.23
C VAL A 171 -21.30 20.95 7.80
N PRO A 172 -21.44 22.05 7.04
CA PRO A 172 -21.98 23.28 7.66
C PRO A 172 -23.38 23.12 8.22
N VAL A 173 -24.25 22.38 7.52
CA VAL A 173 -25.61 22.17 8.02
C VAL A 173 -25.59 21.30 9.27
N ALA A 174 -24.70 20.30 9.31
CA ALA A 174 -24.58 19.47 10.51
C ALA A 174 -24.14 20.30 11.70
N ILE A 175 -23.17 21.20 11.51
CA ILE A 175 -22.72 22.05 12.61
C ILE A 175 -23.85 22.96 13.08
N VAL A 176 -24.57 23.56 12.14
CA VAL A 176 -25.67 24.47 12.51
C VAL A 176 -26.76 23.72 13.25
N LEU A 177 -27.12 22.51 12.77
CA LEU A 177 -28.20 21.77 13.39
C LEU A 177 -27.87 21.38 14.82
N LEU A 178 -26.65 20.88 15.06
CA LEU A 178 -26.25 20.54 16.42
C LEU A 178 -26.16 21.78 17.29
N CYS A 179 -25.62 22.87 16.74
CA CYS A 179 -25.51 24.12 17.49
C CYS A 179 -26.85 24.82 17.66
N TRP A 180 -27.90 24.36 16.97
CA TRP A 180 -29.18 25.04 17.03
C TRP A 180 -29.99 24.64 18.27
N MET A 181 -30.30 23.36 18.41
CA MET A 181 -31.27 22.97 19.45
C MET A 181 -30.63 22.81 20.83
N GLY A 182 -29.82 21.77 21.01
CA GLY A 182 -29.29 21.50 22.34
C GLY A 182 -27.86 21.02 22.47
N ILE A 183 -27.23 20.62 21.37
CA ILE A 183 -26.02 19.80 21.47
C ILE A 183 -24.79 20.66 21.73
N THR A 184 -24.57 21.68 20.90
CA THR A 184 -23.37 22.49 21.00
C THR A 184 -23.74 23.97 20.91
N SER A 185 -22.73 24.81 21.16
CA SER A 185 -22.82 26.24 21.04
C SER A 185 -21.59 26.73 20.26
N PRO A 186 -21.67 27.91 19.65
CA PRO A 186 -20.49 28.43 18.95
C PRO A 186 -19.25 28.51 19.83
N GLU A 187 -19.41 28.81 21.12
CA GLU A 187 -18.26 28.87 22.01
C GLU A 187 -17.56 27.52 22.13
N ASP A 188 -18.33 26.44 22.25
CA ASP A 188 -17.74 25.11 22.39
C ASP A 188 -16.96 24.70 21.15
N LEU A 189 -17.51 24.96 19.97
CA LEU A 189 -16.82 24.57 18.75
C LEU A 189 -15.62 25.47 18.46
N ARG A 190 -15.65 26.71 18.94
CA ARG A 190 -14.49 27.58 18.78
C ARG A 190 -13.32 27.13 19.63
N LYS A 191 -13.58 26.62 20.83
CA LYS A 191 -12.51 26.13 21.71
C LYS A 191 -12.00 24.76 21.30
N LYS A 192 -12.67 24.09 20.37
CA LYS A 192 -12.19 22.84 19.81
C LYS A 192 -11.52 23.02 18.45
N ARG A 193 -11.22 24.26 18.08
CA ARG A 193 -10.57 24.53 16.79
C ARG A 193 -9.23 23.83 16.64
N PRO A 194 -8.31 23.87 17.62
CA PRO A 194 -7.03 23.17 17.42
C PRO A 194 -7.17 21.68 17.21
N TYR A 195 -8.16 21.04 17.84
CA TYR A 195 -8.31 19.60 17.72
C TYR A 195 -8.92 19.19 16.38
N VAL A 196 -9.76 20.03 15.79
CA VAL A 196 -10.30 19.74 14.46
C VAL A 196 -9.20 19.79 13.42
N LEU A 197 -8.25 20.71 13.58
CA LEU A 197 -7.15 20.83 12.62
C LEU A 197 -6.32 19.56 12.57
N VAL A 198 -5.99 19.01 13.73
CA VAL A 198 -5.30 17.72 13.77
C VAL A 198 -6.22 16.60 13.31
N GLY A 199 -7.51 16.68 13.68
CA GLY A 199 -8.46 15.69 13.23
C GLY A 199 -8.66 15.72 11.72
N ALA A 200 -8.59 16.91 11.12
CA ALA A 200 -8.69 17.02 9.67
C ALA A 200 -7.54 16.30 8.98
N PHE A 201 -6.33 16.45 9.52
CA PHE A 201 -5.17 15.75 8.94
C PHE A 201 -5.31 14.25 9.10
N VAL A 202 -5.79 13.79 10.26
CA VAL A 202 -5.97 12.36 10.49
C VAL A 202 -7.03 11.80 9.55
N VAL A 203 -8.15 12.50 9.41
CA VAL A 203 -9.18 12.08 8.47
C VAL A 203 -8.62 12.08 7.05
N GLY A 204 -7.82 13.09 6.72
CA GLY A 204 -7.16 13.15 5.44
C GLY A 204 -6.25 11.97 5.18
N MET A 205 -5.57 11.51 6.23
CA MET A 205 -4.75 10.29 6.15
C MET A 205 -5.59 9.10 5.71
N LEU A 206 -6.77 8.94 6.32
CA LEU A 206 -7.58 7.75 6.10
C LEU A 206 -8.43 7.82 4.84
N LEU A 207 -8.38 8.93 4.11
CA LEU A 207 -9.16 9.08 2.89
C LEU A 207 -8.33 9.35 1.64
N THR A 208 -7.10 9.84 1.78
CA THR A 208 -6.23 10.14 0.65
C THR A 208 -5.18 9.06 0.47
N PRO A 209 -4.64 8.90 -0.73
CA PRO A 209 -3.56 7.94 -0.95
C PRO A 209 -2.33 8.31 -0.16
N PRO A 210 -1.40 7.37 0.04
CA PRO A 210 -0.23 7.67 0.88
C PRO A 210 0.71 8.67 0.24
N ASP A 211 0.30 9.94 0.26
CA ASP A 211 1.12 11.02 -0.30
C ASP A 211 0.89 12.26 0.57
N VAL A 212 1.98 12.82 1.08
CA VAL A 212 1.91 13.91 2.05
C VAL A 212 1.24 15.14 1.43
N PHE A 213 1.36 15.29 0.11
CA PHE A 213 0.73 16.42 -0.56
C PHE A 213 -0.79 16.30 -0.54
N SER A 214 -1.30 15.07 -0.75
CA SER A 214 -2.75 14.88 -0.81
C SER A 214 -3.42 15.10 0.53
N GLN A 215 -2.82 14.57 1.61
CA GLN A 215 -3.41 14.76 2.94
C GLN A 215 -3.41 16.23 3.33
N THR A 216 -2.32 16.93 3.06
CA THR A 216 -2.22 18.36 3.33
C THR A 216 -3.23 19.18 2.51
N LEU A 217 -3.61 18.69 1.33
CA LEU A 217 -4.50 19.42 0.44
C LEU A 217 -5.97 19.16 0.70
N LEU A 218 -6.33 17.96 1.21
CA LEU A 218 -7.73 17.68 1.50
C LEU A 218 -8.12 18.11 2.91
N ALA A 219 -7.16 18.16 3.83
CA ALA A 219 -7.48 18.48 5.23
C ALA A 219 -7.91 19.94 5.38
N ILE A 220 -7.26 20.85 4.64
CA ILE A 220 -7.58 22.28 4.76
C ILE A 220 -9.05 22.57 4.43
N PRO A 221 -9.64 22.01 3.35
CA PRO A 221 -11.08 22.25 3.14
C PRO A 221 -11.95 21.85 4.31
N MET A 222 -11.63 20.74 4.98
CA MET A 222 -12.45 20.32 6.13
C MET A 222 -12.39 21.37 7.24
N TYR A 223 -11.21 21.91 7.52
CA TYR A 223 -11.09 22.98 8.49
C TYR A 223 -11.83 24.23 8.02
N CYS A 224 -11.75 24.53 6.72
CA CYS A 224 -12.49 25.67 6.18
C CYS A 224 -13.99 25.44 6.28
N LEU A 225 -14.46 24.23 5.96
CA LEU A 225 -15.88 23.93 6.09
C LEU A 225 -16.34 24.00 7.54
N PHE A 226 -15.51 23.52 8.46
CA PHE A 226 -15.83 23.64 9.87
C PHE A 226 -15.86 25.10 10.32
N GLU A 227 -15.03 25.94 9.69
CA GLU A 227 -14.96 27.35 10.10
C GLU A 227 -16.24 28.10 9.72
N ILE A 228 -16.71 27.92 8.49
CA ILE A 228 -17.91 28.63 8.06
C ILE A 228 -19.14 28.14 8.81
N GLY A 229 -19.20 26.85 9.12
CA GLY A 229 -20.33 26.32 9.88
C GLY A 229 -20.44 26.96 11.25
N VAL A 230 -19.31 27.15 11.92
CA VAL A 230 -19.32 27.88 13.20
C VAL A 230 -19.76 29.31 12.99
N PHE A 231 -19.28 29.94 11.91
CA PHE A 231 -19.68 31.32 11.61
C PHE A 231 -21.19 31.40 11.37
N PHE A 232 -21.75 30.43 10.64
CA PHE A 232 -23.18 30.46 10.35
C PHE A 232 -24.01 30.17 11.60
N SER A 233 -23.48 29.40 12.55
CA SER A 233 -24.24 29.08 13.76
C SER A 233 -24.49 30.31 14.62
N ARG A 234 -23.59 31.31 14.54
CA ARG A 234 -23.80 32.54 15.30
C ARG A 234 -24.98 33.34 14.78
N PHE A 235 -25.27 33.25 13.49
CA PHE A 235 -26.39 33.96 12.88
C PHE A 235 -27.73 33.31 13.17
N TYR A 236 -27.77 32.32 14.06
CA TYR A 236 -29.02 31.67 14.44
C TYR A 236 -29.92 32.65 15.18
N MET B 1 -6.36 -1.42 5.62
CA MET B 1 -5.63 -0.16 5.54
C MET B 1 -6.43 1.02 5.02
N PHE B 2 -6.35 2.15 5.73
CA PHE B 2 -6.81 3.43 5.20
C PHE B 2 -5.65 4.25 4.62
N ASP B 3 -4.82 3.61 3.79
CA ASP B 3 -3.72 4.26 3.09
C ASP B 3 -2.79 5.00 4.06
N ILE B 4 -2.16 4.24 4.95
CA ILE B 4 -1.25 4.81 5.93
C ILE B 4 0.13 5.00 5.29
N GLY B 5 0.80 6.10 5.64
CA GLY B 5 2.12 6.38 5.13
C GLY B 5 3.04 6.91 6.21
N PHE B 6 4.32 7.01 5.87
CA PHE B 6 5.32 7.47 6.83
C PHE B 6 5.28 8.99 6.99
N SER B 7 5.49 9.73 5.90
CA SER B 7 5.48 11.18 5.98
C SER B 7 4.12 11.70 6.40
N GLU B 8 3.05 10.98 6.08
CA GLU B 8 1.72 11.37 6.54
C GLU B 8 1.60 11.27 8.05
N LEU B 9 2.15 10.21 8.66
CA LEU B 9 2.14 10.06 10.10
C LEU B 9 3.06 11.03 10.81
N LEU B 10 4.22 11.34 10.22
CA LEU B 10 5.12 12.31 10.81
C LEU B 10 4.51 13.70 10.81
N LEU B 11 3.77 14.05 9.76
CA LEU B 11 3.11 15.34 9.66
C LEU B 11 2.11 15.54 10.78
N VAL B 12 1.32 14.50 11.07
CA VAL B 12 0.33 14.61 12.15
C VAL B 12 1.02 14.89 13.47
N PHE B 13 2.13 14.21 13.75
CA PHE B 13 2.92 14.51 14.93
C PHE B 13 3.51 15.92 14.86
N ILE B 14 4.00 16.32 13.69
CA ILE B 14 4.55 17.66 13.52
C ILE B 14 3.45 18.71 13.66
N ILE B 15 2.33 18.50 12.94
CA ILE B 15 1.21 19.44 13.04
C ILE B 15 0.62 19.40 14.44
N GLY B 16 0.46 18.20 15.01
CA GLY B 16 -0.09 18.09 16.35
C GLY B 16 0.76 18.78 17.40
N LEU B 17 2.08 18.63 17.30
CA LEU B 17 2.97 19.28 18.26
C LEU B 17 2.86 20.80 18.15
N VAL B 18 2.85 21.34 16.93
CA VAL B 18 2.81 22.79 16.75
C VAL B 18 1.46 23.35 17.19
N VAL B 19 0.37 22.73 16.75
CA VAL B 19 -0.96 23.28 17.03
C VAL B 19 -1.31 23.10 18.49
N LEU B 20 -1.06 21.92 19.05
CA LEU B 20 -1.49 21.62 20.42
C LEU B 20 -0.45 22.03 21.46
N GLY B 21 0.83 21.86 21.16
CA GLY B 21 1.88 22.19 22.09
C GLY B 21 2.13 21.08 23.08
N PRO B 22 3.18 21.21 23.89
CA PRO B 22 3.46 20.18 24.91
C PRO B 22 2.66 20.39 26.18
N GLN B 23 1.39 20.73 26.04
CA GLN B 23 0.46 20.77 27.17
C GLN B 23 -0.91 20.20 26.82
N ARG B 24 -1.23 20.01 25.55
CA ARG B 24 -2.54 19.53 25.14
C ARG B 24 -2.41 18.28 24.27
N LEU B 25 -1.30 18.18 23.53
CA LEU B 25 -1.07 17.00 22.71
C LEU B 25 -0.92 15.72 23.53
N PRO B 26 -0.11 15.67 24.60
CA PRO B 26 -0.06 14.43 25.39
C PRO B 26 -1.40 14.06 26.02
N VAL B 27 -2.22 15.05 26.36
CA VAL B 27 -3.57 14.76 26.83
C VAL B 27 -4.41 14.18 25.70
N ALA B 28 -4.21 14.68 24.48
CA ALA B 28 -4.92 14.12 23.33
C ALA B 28 -4.50 12.67 23.07
N VAL B 29 -3.20 12.37 23.23
CA VAL B 29 -2.74 11.00 23.05
C VAL B 29 -3.36 10.09 24.10
N LYS B 30 -3.43 10.55 25.35
CA LYS B 30 -4.09 9.76 26.39
C LYS B 30 -5.57 9.61 26.11
N THR B 31 -6.23 10.69 25.66
CA THR B 31 -7.64 10.61 25.33
C THR B 31 -7.89 9.66 24.16
N VAL B 32 -7.06 9.73 23.13
CA VAL B 32 -7.19 8.83 21.99
C VAL B 32 -6.96 7.38 22.43
N ALA B 33 -5.93 7.17 23.26
CA ALA B 33 -5.65 5.81 23.76
C ALA B 33 -6.81 5.28 24.58
N GLY B 34 -7.54 6.15 25.27
CA GLY B 34 -8.72 5.70 26.00
C GLY B 34 -9.81 5.16 25.10
N TRP B 35 -9.95 5.75 23.91
CA TRP B 35 -10.93 5.25 22.95
C TRP B 35 -10.56 3.86 22.48
N ILE B 36 -9.27 3.60 22.26
CA ILE B 36 -8.84 2.26 21.87
C ILE B 36 -9.11 1.27 22.99
N ARG B 37 -8.91 1.70 24.24
CA ARG B 37 -9.23 0.84 25.38
C ARG B 37 -10.72 0.51 25.43
N ALA B 38 -11.57 1.49 25.14
CA ALA B 38 -13.01 1.24 25.12
C ALA B 38 -13.38 0.25 24.02
N LEU B 39 -12.76 0.39 22.85
CA LEU B 39 -13.02 -0.55 21.77
C LEU B 39 -12.60 -1.97 22.14
N ARG B 40 -11.43 -2.10 22.77
CA ARG B 40 -10.99 -3.42 23.23
C ARG B 40 -11.92 -3.95 24.32
N SER B 41 -12.36 -3.09 25.23
CA SER B 41 -13.30 -3.51 26.27
C SER B 41 -14.61 -3.98 25.65
N LEU B 42 -15.13 -3.24 24.66
CA LEU B 42 -16.33 -3.68 23.97
C LEU B 42 -16.09 -4.97 23.21
N ALA B 43 -14.93 -5.09 22.54
CA ALA B 43 -14.63 -6.31 21.81
C ALA B 43 -14.48 -7.51 22.75
N THR B 44 -13.84 -7.31 23.90
CA THR B 44 -13.68 -8.40 24.85
C THR B 44 -15.03 -8.85 25.40
N THR B 45 -15.92 -7.90 25.71
CA THR B 45 -17.23 -8.25 26.25
C THR B 45 -18.09 -8.92 25.19
N VAL B 46 -18.11 -8.37 23.98
CA VAL B 46 -18.98 -8.90 22.92
C VAL B 46 -18.55 -10.30 22.54
N GLN B 47 -17.24 -10.54 22.39
CA GLN B 47 -16.76 -11.85 21.96
C GLN B 47 -17.11 -12.93 22.97
N ASN B 48 -16.95 -12.64 24.26
CA ASN B 48 -17.28 -13.64 25.28
C ASN B 48 -18.79 -13.81 25.43
N GLU B 49 -19.54 -12.70 25.38
CA GLU B 49 -20.99 -12.79 25.53
C GLU B 49 -21.63 -13.52 24.36
N LEU B 50 -21.14 -13.27 23.14
CA LEU B 50 -21.67 -13.97 21.98
C LEU B 50 -21.41 -15.47 22.06
N THR B 51 -20.22 -15.85 22.51
CA THR B 51 -19.90 -17.27 22.70
C THR B 51 -20.79 -17.88 23.77
N GLN B 52 -21.01 -17.16 24.87
CA GLN B 52 -21.85 -17.66 25.95
C GLN B 52 -23.32 -17.77 25.56
N GLU B 53 -23.73 -17.16 24.45
CA GLU B 53 -25.09 -17.27 23.95
C GLU B 53 -25.25 -18.33 22.88
N LEU B 54 -24.18 -18.62 22.13
CA LEU B 54 -24.25 -19.65 21.10
C LEU B 54 -23.98 -21.04 21.68
N LYS B 55 -22.87 -21.18 22.42
CA LYS B 55 -22.49 -22.49 22.91
C LYS B 55 -23.42 -22.99 24.01
N LEU B 56 -23.76 -22.12 24.96
CA LEU B 56 -24.57 -22.56 26.10
C LEU B 56 -26.00 -22.90 25.67
N GLN B 57 -26.59 -22.08 24.81
CA GLN B 57 -27.97 -22.34 24.37
C GLN B 57 -28.05 -23.63 23.57
N GLU B 58 -27.06 -23.88 22.70
CA GLU B 58 -27.03 -25.14 21.96
C GLU B 58 -26.84 -26.33 22.90
N PHE B 59 -25.96 -26.18 23.88
CA PHE B 59 -25.71 -27.27 24.82
C PHE B 59 -26.91 -27.47 25.76
N GLN B 60 -27.58 -26.38 26.12
CA GLN B 60 -28.73 -26.50 27.02
C GLN B 60 -29.86 -27.31 26.38
N ASP B 61 -30.10 -27.11 25.09
CA ASP B 61 -31.13 -27.87 24.41
C ASP B 61 -30.79 -29.36 24.34
N SER B 62 -29.49 -29.69 24.32
CA SER B 62 -29.09 -31.09 24.32
C SER B 62 -29.49 -31.78 25.61
N LEU B 63 -29.36 -31.08 26.75
CA LEU B 63 -29.74 -31.64 28.04
C LEU B 63 -31.25 -31.80 28.15
N THR C 6 6.39 22.45 34.60
CA THR C 6 7.70 22.63 33.98
C THR C 6 8.50 21.32 34.01
N GLN C 7 9.81 21.43 34.27
CA GLN C 7 10.74 20.32 34.36
C GLN C 7 10.91 19.64 33.00
N PRO C 8 11.97 18.83 32.81
CA PRO C 8 12.22 18.23 31.50
C PRO C 8 11.05 17.38 31.01
N LEU C 9 11.14 17.01 29.73
CA LEU C 9 10.14 16.31 28.94
C LEU C 9 8.94 17.19 28.62
N ILE C 10 8.87 18.41 29.15
CA ILE C 10 7.92 19.41 28.70
C ILE C 10 8.63 20.58 28.01
N THR C 11 9.73 21.05 28.60
CA THR C 11 10.56 22.05 27.94
C THR C 11 11.23 21.48 26.70
N HIS C 12 11.52 20.18 26.69
CA HIS C 12 12.14 19.57 25.51
C HIS C 12 11.21 19.64 24.31
N LEU C 13 9.93 19.35 24.49
CA LEU C 13 8.98 19.50 23.39
C LEU C 13 8.65 20.95 23.13
N ILE C 14 8.80 21.82 24.14
CA ILE C 14 8.68 23.26 23.90
C ILE C 14 9.79 23.72 22.96
N GLU C 15 11.02 23.24 23.19
CA GLU C 15 12.12 23.57 22.28
C GLU C 15 11.91 22.94 20.92
N LEU C 16 11.49 21.67 20.89
CA LEU C 16 11.27 20.99 19.61
C LEU C 16 10.15 21.64 18.81
N ARG C 17 9.12 22.14 19.50
CA ARG C 17 8.05 22.87 18.83
C ARG C 17 8.58 24.11 18.12
N LYS C 18 9.47 24.86 18.79
CA LYS C 18 10.06 26.03 18.17
C LYS C 18 10.94 25.65 16.98
N ARG C 19 11.74 24.60 17.13
CA ARG C 19 12.59 24.15 16.03
C ARG C 19 11.76 23.66 14.85
N LEU C 20 10.67 22.94 15.12
CA LEU C 20 9.79 22.49 14.06
C LEU C 20 9.15 23.67 13.34
N LEU C 21 8.78 24.71 14.08
CA LEU C 21 8.21 25.90 13.45
C LEU C 21 9.22 26.57 12.52
N ASN C 22 10.48 26.67 12.96
CA ASN C 22 11.50 27.29 12.13
C ASN C 22 11.74 26.48 10.84
N CYS C 23 11.76 25.15 10.96
CA CYS C 23 11.89 24.33 9.76
C CYS C 23 10.67 24.48 8.86
N ILE C 24 9.48 24.56 9.44
CA ILE C 24 8.26 24.74 8.64
C ILE C 24 8.28 26.09 7.94
N ILE C 25 8.65 27.15 8.67
CA ILE C 25 8.71 28.49 8.08
C ILE C 25 9.72 28.53 6.95
N ALA C 26 10.90 27.92 7.15
CA ALA C 26 11.91 27.92 6.11
C ALA C 26 11.43 27.19 4.86
N VAL C 27 10.74 26.07 5.03
CA VAL C 27 10.21 25.34 3.88
C VAL C 27 9.16 26.17 3.16
N ILE C 28 8.26 26.79 3.92
CA ILE C 28 7.18 27.58 3.31
C ILE C 28 7.74 28.80 2.59
N VAL C 29 8.69 29.50 3.20
CA VAL C 29 9.23 30.72 2.60
C VAL C 29 9.93 30.40 1.28
N ILE C 30 10.76 29.37 1.28
CA ILE C 30 11.45 28.97 0.05
C ILE C 30 10.45 28.49 -1.00
N PHE C 31 9.44 27.73 -0.56
CA PHE C 31 8.43 27.24 -1.49
C PHE C 31 7.66 28.40 -2.13
N LEU C 32 7.30 29.41 -1.34
CA LEU C 32 6.54 30.54 -1.87
C LEU C 32 7.36 31.34 -2.87
N CYS C 33 8.66 31.48 -2.63
CA CYS C 33 9.52 32.20 -3.57
C CYS C 33 9.60 31.47 -4.91
N LEU C 34 9.70 30.14 -4.87
CA LEU C 34 9.82 29.34 -6.08
C LEU C 34 8.49 28.83 -6.61
N VAL C 35 7.37 29.20 -5.98
CA VAL C 35 6.08 28.69 -6.42
C VAL C 35 5.69 29.28 -7.77
N TYR C 36 6.15 30.49 -8.08
CA TYR C 36 5.78 31.11 -9.36
C TYR C 36 6.52 30.44 -10.52
N PHE C 37 7.77 30.07 -10.31
CA PHE C 37 8.57 29.40 -11.34
C PHE C 37 8.45 27.88 -11.23
N ALA C 38 7.22 27.38 -11.17
CA ALA C 38 7.01 25.95 -11.01
C ALA C 38 7.39 25.18 -12.27
N ASN C 39 7.01 25.70 -13.43
CA ASN C 39 7.36 25.03 -14.69
C ASN C 39 8.81 25.26 -15.07
N ASP C 40 9.41 26.37 -14.64
CA ASP C 40 10.80 26.66 -14.98
C ASP C 40 11.75 25.63 -14.37
N ILE C 41 11.52 25.25 -13.12
CA ILE C 41 12.33 24.20 -12.50
C ILE C 41 12.03 22.86 -13.15
N TYR C 42 10.75 22.61 -13.48
CA TYR C 42 10.40 21.36 -14.14
C TYR C 42 11.01 21.28 -15.54
N HIS C 43 11.08 22.41 -16.23
CA HIS C 43 11.80 22.44 -17.52
C HIS C 43 13.27 22.11 -17.33
N LEU C 44 13.88 22.65 -16.26
CA LEU C 44 15.26 22.30 -15.93
C LEU C 44 15.37 20.82 -15.59
N VAL C 45 14.42 20.30 -14.80
CA VAL C 45 14.47 18.90 -14.39
C VAL C 45 14.24 17.99 -15.60
N SER C 46 13.28 18.33 -16.46
CA SER C 46 12.96 17.49 -17.60
C SER C 46 13.92 17.68 -18.78
N ALA C 47 14.77 18.70 -18.73
CA ALA C 47 15.68 18.95 -19.85
C ALA C 47 16.58 17.76 -20.18
N PRO C 48 17.19 17.05 -19.20
CA PRO C 48 17.97 15.86 -19.59
C PRO C 48 17.15 14.81 -20.31
N LEU C 49 15.89 14.62 -19.93
CA LEU C 49 15.06 13.61 -20.60
C LEU C 49 14.59 14.07 -21.97
N ILE C 50 14.22 15.35 -22.10
CA ILE C 50 13.71 15.86 -23.37
C ILE C 50 14.78 15.78 -24.45
N LYS C 51 16.03 16.08 -24.09
CA LYS C 51 17.12 16.03 -25.06
C LYS C 51 17.32 14.61 -25.59
N GLN C 52 17.20 13.62 -24.72
CA GLN C 52 17.41 12.23 -25.09
C GLN C 52 16.13 11.51 -25.50
N LEU C 53 14.99 12.19 -25.45
CA LEU C 53 13.74 11.57 -25.89
C LEU C 53 13.80 11.30 -27.39
N PRO C 54 13.29 10.15 -27.85
CA PRO C 54 13.35 9.85 -29.28
C PRO C 54 12.42 10.76 -30.08
N GLN C 55 12.65 10.78 -31.39
CA GLN C 55 11.85 11.60 -32.28
C GLN C 55 10.39 11.16 -32.25
N GLY C 56 9.48 12.13 -32.14
CA GLY C 56 8.08 11.84 -32.02
C GLY C 56 7.62 11.48 -30.63
N SER C 57 8.52 11.41 -29.65
CA SER C 57 8.19 11.06 -28.28
C SER C 57 8.26 12.30 -27.41
N THR C 58 7.17 12.60 -26.72
CA THR C 58 7.08 13.72 -25.81
C THR C 58 6.68 13.22 -24.42
N MET C 59 6.55 14.16 -23.49
CA MET C 59 6.07 13.85 -22.15
C MET C 59 4.55 13.97 -22.10
N ILE C 60 3.94 13.13 -21.27
CA ILE C 60 2.49 13.07 -21.17
C ILE C 60 2.08 13.23 -19.71
N ALA C 61 0.79 13.52 -19.50
CA ALA C 61 0.21 13.69 -18.18
C ALA C 61 -1.06 12.84 -18.11
N THR C 62 -0.95 11.66 -17.50
CA THR C 62 -2.09 10.74 -17.41
C THR C 62 -3.04 11.09 -16.27
N ASP C 63 -2.63 11.92 -15.33
CA ASP C 63 -3.48 12.33 -14.22
C ASP C 63 -4.12 13.68 -14.52
N VAL C 64 -5.33 13.87 -14.01
CA VAL C 64 -6.09 15.07 -14.31
C VAL C 64 -5.41 16.30 -13.73
N ALA C 65 -4.96 16.22 -12.48
CA ALA C 65 -4.32 17.34 -11.80
C ALA C 65 -2.80 17.32 -11.93
N SER C 66 -2.24 16.32 -12.61
CA SER C 66 -0.79 16.27 -12.79
C SER C 66 -0.20 17.48 -13.49
N PRO C 67 -0.83 18.06 -14.54
CA PRO C 67 -0.20 19.22 -15.19
C PRO C 67 0.06 20.40 -14.25
N PHE C 68 -0.69 20.50 -13.15
CA PHE C 68 -0.50 21.58 -12.20
C PHE C 68 0.09 21.12 -10.87
N PHE C 69 -0.24 19.91 -10.41
CA PHE C 69 0.27 19.44 -9.12
C PHE C 69 1.74 19.05 -9.22
N THR C 70 2.12 18.36 -10.31
CA THR C 70 3.49 17.84 -10.40
C THR C 70 4.54 18.94 -10.39
N PRO C 71 4.43 20.03 -11.16
CA PRO C 71 5.37 21.14 -10.96
C PRO C 71 5.30 21.74 -9.56
N ILE C 72 4.10 21.79 -8.97
CA ILE C 72 3.96 22.27 -7.60
C ILE C 72 4.62 21.31 -6.63
N LYS C 73 4.46 20.00 -6.86
CA LYS C 73 5.08 19.01 -6.00
C LYS C 73 6.60 19.11 -6.03
N LEU C 74 7.18 19.31 -7.21
CA LEU C 74 8.63 19.42 -7.33
C LEU C 74 9.15 20.61 -6.55
N THR C 75 8.47 21.75 -6.65
CA THR C 75 8.93 22.95 -5.96
C THR C 75 8.92 22.76 -4.45
N PHE C 76 7.89 22.09 -3.92
CA PHE C 76 7.84 21.82 -2.49
C PHE C 76 9.01 20.95 -2.05
N MET C 77 9.33 19.90 -2.83
CA MET C 77 10.45 19.04 -2.51
C MET C 77 11.79 19.61 -2.97
N VAL C 78 11.78 20.62 -3.84
CA VAL C 78 13.00 21.38 -4.09
C VAL C 78 13.31 22.26 -2.87
N SER C 79 12.28 22.86 -2.28
CA SER C 79 12.48 23.68 -1.09
C SER C 79 12.97 22.86 0.09
N LEU C 80 12.55 21.60 0.19
CA LEU C 80 13.02 20.73 1.27
C LEU C 80 14.54 20.54 1.19
N ILE C 81 15.06 20.31 -0.01
CA ILE C 81 16.51 20.17 -0.17
C ILE C 81 17.19 21.50 0.09
N LEU C 82 16.59 22.60 -0.38
CA LEU C 82 17.19 23.92 -0.16
C LEU C 82 17.21 24.28 1.31
N SER C 83 16.17 23.90 2.05
CA SER C 83 16.06 24.19 3.48
C SER C 83 16.71 23.13 4.35
N ALA C 84 17.34 22.12 3.75
CA ALA C 84 18.01 21.09 4.54
C ALA C 84 19.07 21.64 5.48
N PRO C 85 19.96 22.57 5.08
CA PRO C 85 20.87 23.15 6.08
C PRO C 85 20.15 23.85 7.22
N VAL C 86 19.02 24.50 6.94
CA VAL C 86 18.24 25.12 8.00
C VAL C 86 17.60 24.05 8.88
N ILE C 87 17.08 22.98 8.26
CA ILE C 87 16.47 21.89 9.02
C ILE C 87 17.52 21.20 9.89
N LEU C 88 18.69 20.91 9.33
CA LEU C 88 19.72 20.21 10.08
C LEU C 88 20.27 21.07 11.21
N TYR C 89 20.29 22.40 11.04
CA TYR C 89 20.73 23.27 12.12
C TYR C 89 19.83 23.17 13.33
N GLN C 90 18.51 23.15 13.11
CA GLN C 90 17.57 23.08 14.23
C GLN C 90 17.64 21.73 14.93
N VAL C 91 17.83 20.66 14.15
CA VAL C 91 17.98 19.33 14.76
C VAL C 91 19.24 19.27 15.60
N TRP C 92 20.35 19.82 15.09
CA TRP C 92 21.58 19.88 15.88
C TRP C 92 21.41 20.74 17.12
N ALA C 93 20.72 21.88 16.98
CA ALA C 93 20.53 22.78 18.11
C ALA C 93 19.69 22.13 19.21
N PHE C 94 18.70 21.33 18.82
CA PHE C 94 17.88 20.63 19.81
C PHE C 94 18.70 19.59 20.57
N ILE C 95 19.66 18.94 19.91
CA ILE C 95 20.52 17.97 20.56
C ILE C 95 21.85 18.57 21.00
N ALA C 96 22.05 19.88 20.77
CA ALA C 96 23.28 20.53 21.21
C ALA C 96 23.47 20.48 22.73
N PRO C 97 22.46 20.76 23.58
CA PRO C 97 22.71 20.67 25.02
C PRO C 97 23.13 19.28 25.48
N ALA C 98 22.71 18.23 24.79
CA ALA C 98 23.13 16.88 25.13
C ALA C 98 24.51 16.53 24.60
N LEU C 99 25.12 17.43 23.81
CA LEU C 99 26.45 17.22 23.25
C LEU C 99 27.43 18.26 23.80
N TYR C 100 27.37 18.51 25.11
CA TYR C 100 28.28 19.45 25.75
C TYR C 100 29.62 18.80 26.09
N LYS C 101 29.83 17.54 25.71
CA LYS C 101 31.05 16.80 25.99
C LYS C 101 32.20 17.17 25.05
N HIS C 102 32.12 18.32 24.41
CA HIS C 102 33.10 18.87 23.47
C HIS C 102 33.07 18.15 22.13
N GLU C 103 32.12 17.25 21.92
CA GLU C 103 31.86 16.71 20.58
C GLU C 103 31.08 17.69 19.72
N ARG C 104 30.56 18.77 20.29
CA ARG C 104 29.84 19.77 19.52
C ARG C 104 30.76 20.48 18.52
N ARG C 105 32.01 20.71 18.91
CA ARG C 105 32.95 21.40 18.03
C ARG C 105 33.19 20.60 16.75
N LEU C 106 33.32 19.28 16.86
CA LEU C 106 33.65 18.47 15.69
C LEU C 106 32.45 18.32 14.75
N VAL C 107 31.23 18.32 15.28
CA VAL C 107 30.07 18.02 14.46
C VAL C 107 29.55 19.23 13.69
N VAL C 108 29.91 20.46 14.11
CA VAL C 108 29.44 21.64 13.39
C VAL C 108 29.98 21.69 11.97
N PRO C 109 31.29 21.54 11.71
CA PRO C 109 31.74 21.44 10.32
C PRO C 109 31.23 20.17 9.64
N LEU C 110 31.11 19.09 10.42
CA LEU C 110 30.75 17.80 9.85
C LEU C 110 29.35 17.83 9.24
N LEU C 111 28.38 18.43 9.95
CA LEU C 111 27.05 18.59 9.37
C LEU C 111 27.07 19.54 8.18
N VAL C 112 27.88 20.60 8.27
CA VAL C 112 28.05 21.51 7.13
C VAL C 112 28.69 20.78 5.97
N SER C 113 29.75 20.01 6.24
CA SER C 113 30.42 19.26 5.18
C SER C 113 29.51 18.20 4.59
N SER C 114 28.59 17.66 5.38
CA SER C 114 27.63 16.69 4.87
C SER C 114 26.56 17.32 3.99
N SER C 115 26.50 18.66 3.92
CA SER C 115 25.48 19.32 3.11
C SER C 115 25.91 19.44 1.65
N LEU C 116 27.17 19.83 1.40
CA LEU C 116 27.63 19.93 0.03
C LEU C 116 27.68 18.56 -0.64
N LEU C 117 28.04 17.52 0.10
CA LEU C 117 28.13 16.18 -0.47
C LEU C 117 26.78 15.73 -1.02
N PHE C 118 25.68 16.09 -0.35
CA PHE C 118 24.37 15.82 -0.88
C PHE C 118 24.13 16.61 -2.18
N TYR C 119 24.57 17.86 -2.21
CA TYR C 119 24.37 18.69 -3.40
C TYR C 119 25.30 18.27 -4.54
N ILE C 120 26.54 17.90 -4.21
CA ILE C 120 27.46 17.43 -5.24
C ILE C 120 26.96 16.13 -5.86
N GLY C 121 26.38 15.26 -5.03
CA GLY C 121 25.77 14.05 -5.57
C GLY C 121 24.61 14.34 -6.49
N MET C 122 23.77 15.32 -6.12
CA MET C 122 22.69 15.74 -6.99
C MET C 122 23.22 16.35 -8.29
N ALA C 123 24.26 17.19 -8.18
CA ALA C 123 24.87 17.76 -9.38
C ALA C 123 25.49 16.68 -10.25
N PHE C 124 26.15 15.70 -9.63
CA PHE C 124 26.74 14.60 -10.39
C PHE C 124 25.67 13.80 -11.12
N ALA C 125 24.55 13.51 -10.44
CA ALA C 125 23.47 12.78 -11.10
C ALA C 125 22.87 13.60 -12.24
N TYR C 126 22.66 14.90 -12.01
CA TYR C 126 22.02 15.73 -13.03
C TYR C 126 22.91 15.91 -14.26
N PHE C 127 24.20 16.16 -14.05
CA PHE C 127 25.09 16.55 -15.14
C PHE C 127 25.83 15.39 -15.79
N VAL C 128 26.03 14.28 -15.07
CA VAL C 128 26.81 13.16 -15.57
C VAL C 128 25.93 11.93 -15.79
N VAL C 129 25.06 11.62 -14.84
CA VAL C 129 24.29 10.38 -14.88
C VAL C 129 22.99 10.55 -15.65
N PHE C 130 22.28 11.66 -15.45
CA PHE C 130 21.01 11.87 -16.12
C PHE C 130 21.12 11.86 -17.64
N PRO C 131 22.05 12.56 -18.27
CA PRO C 131 22.19 12.42 -19.73
C PRO C 131 22.55 11.00 -20.16
N LEU C 132 23.36 10.30 -19.37
CA LEU C 132 23.77 8.94 -19.74
C LEU C 132 22.63 7.94 -19.54
N ALA C 133 21.91 8.06 -18.42
CA ALA C 133 20.82 7.11 -18.14
C ALA C 133 19.65 7.34 -19.11
N PHE C 134 19.23 8.59 -19.28
CA PHE C 134 18.09 8.87 -20.15
C PHE C 134 18.42 8.61 -21.61
N GLY C 135 19.66 8.84 -22.02
CA GLY C 135 20.06 8.54 -23.38
C GLY C 135 20.02 7.06 -23.71
N PHE C 136 20.07 6.21 -22.69
CA PHE C 136 19.98 4.76 -22.85
C PHE C 136 18.58 4.23 -22.59
N LEU C 137 17.95 4.68 -21.49
CA LEU C 137 16.63 4.16 -21.13
C LEU C 137 15.58 4.56 -22.17
N ALA C 138 15.65 5.78 -22.69
CA ALA C 138 14.66 6.22 -23.66
C ALA C 138 14.78 5.47 -24.98
N ASN C 139 16.00 5.32 -25.48
CA ASN C 139 16.23 4.68 -26.78
C ASN C 139 16.57 3.20 -26.63
N THR C 140 15.78 2.48 -25.82
CA THR C 140 15.95 1.04 -25.68
C THR C 140 14.60 0.31 -25.64
N ALA C 141 13.51 0.99 -25.94
CA ALA C 141 12.19 0.38 -25.83
C ALA C 141 12.02 -0.74 -26.86
N PRO C 142 11.20 -1.74 -26.56
CA PRO C 142 10.93 -2.79 -27.55
C PRO C 142 10.23 -2.24 -28.78
N GLU C 143 10.36 -2.97 -29.89
CA GLU C 143 9.77 -2.54 -31.14
C GLU C 143 8.25 -2.39 -31.00
N GLY C 144 7.73 -1.29 -31.55
CA GLY C 144 6.31 -1.00 -31.44
C GLY C 144 5.88 -0.33 -30.16
N VAL C 145 6.83 0.04 -29.29
CA VAL C 145 6.53 0.68 -28.02
C VAL C 145 6.91 2.15 -28.13
N GLN C 146 5.96 3.02 -27.80
CA GLN C 146 6.16 4.47 -27.86
C GLN C 146 6.52 4.98 -26.47
N VAL C 147 7.68 5.63 -26.35
CA VAL C 147 8.13 6.13 -25.05
C VAL C 147 7.46 7.46 -24.76
N SER C 148 6.30 7.41 -24.11
CA SER C 148 5.55 8.59 -23.70
C SER C 148 5.61 8.66 -22.18
N THR C 149 6.65 9.28 -21.65
CA THR C 149 6.89 9.28 -20.22
C THR C 149 5.90 10.20 -19.51
N ASP C 150 5.26 9.67 -18.47
CA ASP C 150 4.39 10.49 -17.64
C ASP C 150 5.21 11.44 -16.78
N ILE C 151 4.78 12.70 -16.72
CA ILE C 151 5.51 13.68 -15.94
C ILE C 151 5.40 13.39 -14.44
N ALA C 152 4.32 12.72 -14.02
CA ALA C 152 4.19 12.36 -12.61
C ALA C 152 5.15 11.25 -12.23
N SER C 153 5.26 10.21 -13.06
CA SER C 153 6.18 9.12 -12.78
C SER C 153 7.64 9.55 -12.96
N TYR C 154 7.89 10.50 -13.86
CA TYR C 154 9.24 11.00 -14.06
C TYR C 154 9.76 11.71 -12.81
N LEU C 155 8.89 12.47 -12.14
CA LEU C 155 9.31 13.18 -10.93
C LEU C 155 9.73 12.22 -9.83
N SER C 156 8.97 11.15 -9.63
CA SER C 156 9.34 10.15 -8.63
C SER C 156 10.66 9.47 -9.00
N PHE C 157 10.84 9.15 -10.28
CA PHE C 157 12.10 8.57 -10.72
C PHE C 157 13.26 9.54 -10.56
N VAL C 158 13.04 10.81 -10.89
CA VAL C 158 14.11 11.80 -10.82
C VAL C 158 14.53 12.02 -9.37
N MET C 159 13.56 12.16 -8.46
CA MET C 159 13.89 12.49 -7.08
C MET C 159 14.47 11.29 -6.34
N ALA C 160 14.12 10.07 -6.76
CA ALA C 160 14.76 8.90 -6.17
C ALA C 160 16.24 8.87 -6.50
N LEU C 161 16.61 9.23 -7.73
CA LEU C 161 18.01 9.25 -8.12
C LEU C 161 18.78 10.34 -7.38
N PHE C 162 18.16 11.52 -7.21
CA PHE C 162 18.81 12.57 -6.43
C PHE C 162 18.99 12.13 -4.97
N MET C 163 17.99 11.47 -4.40
CA MET C 163 18.14 10.92 -3.06
C MET C 163 19.20 9.83 -3.03
N ALA C 164 19.21 8.95 -4.04
CA ALA C 164 20.16 7.85 -4.05
C ALA C 164 21.59 8.36 -4.16
N PHE C 165 21.84 9.31 -5.06
CA PHE C 165 23.20 9.78 -5.29
C PHE C 165 23.70 10.69 -4.17
N GLY C 166 22.81 11.50 -3.59
CA GLY C 166 23.23 12.32 -2.46
C GLY C 166 23.62 11.49 -1.25
N VAL C 167 22.82 10.45 -0.95
CA VAL C 167 23.19 9.52 0.10
C VAL C 167 24.42 8.72 -0.30
N SER C 168 24.54 8.40 -1.59
CA SER C 168 25.67 7.61 -2.05
C SER C 168 26.99 8.33 -1.83
N PHE C 169 27.01 9.64 -2.04
CA PHE C 169 28.25 10.39 -1.86
C PHE C 169 28.66 10.50 -0.40
N GLU C 170 27.70 10.53 0.52
CA GLU C 170 28.00 10.68 1.94
C GLU C 170 28.55 9.41 2.56
N VAL C 171 28.18 8.24 2.03
CA VAL C 171 28.53 6.98 2.69
C VAL C 171 30.03 6.75 2.76
N PRO C 172 30.80 6.85 1.66
CA PRO C 172 32.25 6.61 1.77
C PRO C 172 32.94 7.59 2.71
N VAL C 173 32.56 8.87 2.68
CA VAL C 173 33.19 9.85 3.55
C VAL C 173 32.81 9.59 5.01
N ALA C 174 31.57 9.19 5.25
CA ALA C 174 31.14 8.84 6.60
C ALA C 174 31.92 7.65 7.12
N ILE C 175 32.11 6.63 6.28
CA ILE C 175 32.87 5.45 6.71
C ILE C 175 34.31 5.81 7.00
N VAL C 176 34.93 6.61 6.13
CA VAL C 176 36.33 6.97 6.32
C VAL C 176 36.51 7.77 7.61
N LEU C 177 35.63 8.73 7.85
CA LEU C 177 35.76 9.59 9.03
C LEU C 177 35.61 8.77 10.31
N LEU C 178 34.62 7.88 10.37
CA LEU C 178 34.46 7.02 11.53
C LEU C 178 35.64 6.07 11.68
N CYS C 179 36.09 5.49 10.58
CA CYS C 179 37.25 4.60 10.61
C CYS C 179 38.57 5.34 10.81
N TRP C 180 38.56 6.68 10.73
CA TRP C 180 39.81 7.43 10.82
C TRP C 180 40.23 7.64 12.27
N MET C 181 39.41 8.35 13.05
CA MET C 181 39.88 8.84 14.35
C MET C 181 39.76 7.80 15.45
N GLY C 182 38.54 7.47 15.86
CA GLY C 182 38.40 6.58 17.01
C GLY C 182 37.30 5.52 16.98
N ILE C 183 36.37 5.62 16.03
CA ILE C 183 35.13 4.87 16.15
C ILE C 183 35.29 3.44 15.65
N THR C 184 35.84 3.27 14.44
CA THR C 184 35.94 1.96 13.83
C THR C 184 37.30 1.81 13.17
N SER C 185 37.58 0.59 12.73
CA SER C 185 38.77 0.24 11.98
C SER C 185 38.35 -0.59 10.78
N PRO C 186 39.19 -0.64 9.74
CA PRO C 186 38.84 -1.46 8.56
C PRO C 186 38.56 -2.91 8.91
N GLU C 187 39.27 -3.46 9.91
CA GLU C 187 39.02 -4.85 10.30
C GLU C 187 37.61 -5.05 10.82
N ASP C 188 37.11 -4.11 11.65
CA ASP C 188 35.77 -4.25 12.20
C ASP C 188 34.71 -4.18 11.11
N LEU C 189 34.85 -3.24 10.17
CA LEU C 189 33.88 -3.11 9.10
C LEU C 189 33.92 -4.28 8.13
N ARG C 190 35.04 -5.00 8.06
CA ARG C 190 35.12 -6.18 7.22
C ARG C 190 34.38 -7.37 7.84
N LYS C 191 34.43 -7.50 9.17
CA LYS C 191 33.73 -8.58 9.85
C LYS C 191 32.24 -8.31 9.99
N LYS C 192 31.78 -7.08 9.71
CA LYS C 192 30.36 -6.76 9.67
C LYS C 192 29.82 -6.75 8.24
N ARG C 193 30.60 -7.26 7.28
CA ARG C 193 30.15 -7.31 5.90
C ARG C 193 28.87 -8.12 5.71
N PRO C 194 28.72 -9.34 6.25
CA PRO C 194 27.47 -10.07 6.05
C PRO C 194 26.24 -9.35 6.58
N TYR C 195 26.39 -8.60 7.68
CA TYR C 195 25.23 -7.92 8.27
C TYR C 195 24.82 -6.70 7.47
N VAL C 196 25.77 -6.02 6.82
CA VAL C 196 25.42 -4.89 5.96
C VAL C 196 24.63 -5.36 4.76
N LEU C 197 24.95 -6.54 4.23
CA LEU C 197 24.23 -7.07 3.07
C LEU C 197 22.75 -7.26 3.39
N VAL C 198 22.45 -7.85 4.54
CA VAL C 198 21.06 -7.98 4.97
C VAL C 198 20.49 -6.62 5.32
N GLY C 199 21.29 -5.76 5.94
CA GLY C 199 20.83 -4.43 6.29
C GLY C 199 20.52 -3.58 5.07
N ALA C 200 21.30 -3.75 4.00
CA ALA C 200 21.03 -3.02 2.76
C ALA C 200 19.69 -3.42 2.17
N PHE C 201 19.36 -4.71 2.22
CA PHE C 201 18.06 -5.17 1.73
C PHE C 201 16.92 -4.60 2.58
N VAL C 202 17.09 -4.57 3.90
CA VAL C 202 16.07 -4.01 4.77
C VAL C 202 15.90 -2.51 4.50
N VAL C 203 17.01 -1.79 4.38
CA VAL C 203 16.94 -0.35 4.12
C VAL C 203 16.26 -0.08 2.78
N GLY C 204 16.63 -0.85 1.75
CA GLY C 204 15.96 -0.71 0.47
C GLY C 204 14.51 -1.10 0.52
N MET C 205 14.17 -2.11 1.33
CA MET C 205 12.77 -2.53 1.45
C MET C 205 11.90 -1.41 2.02
N LEU C 206 12.44 -0.66 2.98
CA LEU C 206 11.72 0.47 3.56
C LEU C 206 11.82 1.74 2.72
N LEU C 207 12.58 1.72 1.62
CA LEU C 207 12.74 2.88 0.77
C LEU C 207 12.21 2.70 -0.64
N THR C 208 12.08 1.46 -1.12
CA THR C 208 11.58 1.17 -2.45
C THR C 208 10.11 0.79 -2.39
N PRO C 209 9.38 0.96 -3.50
CA PRO C 209 7.97 0.53 -3.53
C PRO C 209 7.86 -0.97 -3.35
N PRO C 210 6.66 -1.48 -3.03
CA PRO C 210 6.54 -2.91 -2.75
C PRO C 210 6.75 -3.76 -4.00
N ASP C 211 8.02 -3.89 -4.40
CA ASP C 211 8.38 -4.68 -5.57
C ASP C 211 9.75 -5.29 -5.30
N VAL C 212 9.84 -6.62 -5.43
CA VAL C 212 11.05 -7.35 -5.11
C VAL C 212 12.18 -6.92 -6.04
N PHE C 213 11.84 -6.51 -7.26
CA PHE C 213 12.87 -6.07 -8.20
C PHE C 213 13.54 -4.79 -7.73
N SER C 214 12.76 -3.85 -7.19
CA SER C 214 13.32 -2.57 -6.77
C SER C 214 14.23 -2.72 -5.55
N GLN C 215 13.80 -3.50 -4.56
CA GLN C 215 14.62 -3.70 -3.36
C GLN C 215 15.93 -4.39 -3.70
N THR C 216 15.88 -5.41 -4.55
CA THR C 216 17.08 -6.11 -5.00
C THR C 216 18.00 -5.20 -5.81
N LEU C 217 17.48 -4.14 -6.41
CA LEU C 217 18.26 -3.24 -7.24
C LEU C 217 18.84 -2.06 -6.48
N LEU C 218 18.19 -1.61 -5.41
CA LEU C 218 18.74 -0.50 -4.63
C LEU C 218 19.69 -0.97 -3.54
N ALA C 219 19.51 -2.20 -3.04
CA ALA C 219 20.34 -2.72 -1.97
C ALA C 219 21.79 -2.93 -2.38
N ILE C 220 22.02 -3.41 -3.61
CA ILE C 220 23.38 -3.67 -4.06
C ILE C 220 24.25 -2.42 -4.08
N PRO C 221 23.79 -1.26 -4.57
CA PRO C 221 24.64 -0.06 -4.51
C PRO C 221 25.10 0.29 -3.11
N MET C 222 24.23 0.15 -2.09
CA MET C 222 24.64 0.46 -0.73
C MET C 222 25.76 -0.46 -0.27
N TYR C 223 25.67 -1.75 -0.59
CA TYR C 223 26.77 -2.67 -0.29
C TYR C 223 28.02 -2.29 -1.07
N CYS C 224 27.86 -1.88 -2.33
CA CYS C 224 28.98 -1.42 -3.12
C CYS C 224 29.59 -0.15 -2.53
N LEU C 225 28.75 0.78 -2.08
CA LEU C 225 29.24 2.00 -1.45
C LEU C 225 29.97 1.68 -0.15
N PHE C 226 29.46 0.73 0.62
CA PHE C 226 30.15 0.29 1.83
C PHE C 226 31.48 -0.37 1.51
N GLU C 227 31.55 -1.08 0.38
CA GLU C 227 32.79 -1.78 0.02
C GLU C 227 33.91 -0.81 -0.30
N ILE C 228 33.62 0.21 -1.10
CA ILE C 228 34.66 1.18 -1.46
C ILE C 228 35.06 2.02 -0.25
N GLY C 229 34.10 2.33 0.62
CA GLY C 229 34.43 3.09 1.82
C GLY C 229 35.42 2.36 2.72
N VAL C 230 35.22 1.05 2.88
CA VAL C 230 36.18 0.24 3.64
C VAL C 230 37.52 0.21 2.93
N PHE C 231 37.50 0.12 1.59
CA PHE C 231 38.73 0.12 0.81
C PHE C 231 39.49 1.43 1.00
N PHE C 232 38.78 2.56 0.99
CA PHE C 232 39.43 3.85 1.13
C PHE C 232 39.96 4.08 2.54
N SER C 233 39.33 3.48 3.54
CA SER C 233 39.78 3.69 4.92
C SER C 233 41.15 3.08 5.16
N ARG C 234 41.49 2.00 4.45
CA ARG C 234 42.81 1.39 4.61
C ARG C 234 43.92 2.31 4.10
N PHE C 235 43.61 3.18 3.15
CA PHE C 235 44.58 4.11 2.59
C PHE C 235 44.83 5.33 3.49
N TYR C 236 44.34 5.30 4.71
CA TYR C 236 44.57 6.39 5.66
C TYR C 236 46.04 6.44 6.06
N THR D 6 24.93 -28.57 17.34
CA THR D 6 24.27 -29.46 16.38
C THR D 6 22.83 -29.72 16.80
N GLN D 7 22.37 -30.97 16.59
CA GLN D 7 21.03 -31.43 16.93
C GLN D 7 19.99 -30.76 16.04
N PRO D 8 18.77 -31.28 15.97
CA PRO D 8 17.75 -30.68 15.10
C PRO D 8 17.48 -29.22 15.44
N LEU D 9 16.72 -28.58 14.55
CA LEU D 9 16.44 -27.14 14.54
C LEU D 9 17.67 -26.29 14.29
N ILE D 10 18.80 -26.91 13.94
CA ILE D 10 19.95 -26.23 13.37
C ILE D 10 20.34 -26.84 12.03
N THR D 11 20.42 -28.17 11.97
CA THR D 11 20.67 -28.87 10.71
C THR D 11 19.51 -28.68 9.73
N HIS D 12 18.30 -28.42 10.24
CA HIS D 12 17.16 -28.21 9.35
C HIS D 12 17.37 -26.95 8.49
N LEU D 13 17.84 -25.86 9.11
CA LEU D 13 18.16 -24.67 8.33
C LEU D 13 19.46 -24.83 7.55
N ILE D 14 20.37 -25.68 8.04
CA ILE D 14 21.55 -26.03 7.24
C ILE D 14 21.13 -26.71 5.95
N GLU D 15 20.17 -27.63 6.03
CA GLU D 15 19.62 -28.24 4.83
C GLU D 15 18.83 -27.22 4.01
N LEU D 16 18.00 -26.43 4.68
CA LEU D 16 17.19 -25.43 3.97
C LEU D 16 18.05 -24.36 3.31
N ARG D 17 19.18 -24.01 3.93
CA ARG D 17 20.11 -23.08 3.30
C ARG D 17 20.64 -23.64 1.99
N LYS D 18 21.00 -24.92 1.98
CA LYS D 18 21.49 -25.55 0.76
C LYS D 18 20.39 -25.60 -0.31
N ARG D 19 19.17 -25.97 0.09
CA ARG D 19 18.07 -26.01 -0.87
C ARG D 19 17.74 -24.63 -1.41
N LEU D 20 17.77 -23.62 -0.53
CA LEU D 20 17.51 -22.26 -0.98
C LEU D 20 18.59 -21.78 -1.95
N LEU D 21 19.84 -22.16 -1.71
CA LEU D 21 20.91 -21.79 -2.62
C LEU D 21 20.72 -22.42 -3.99
N ASN D 22 20.28 -23.68 -4.03
CA ASN D 22 20.06 -24.34 -5.31
C ASN D 22 18.93 -23.69 -6.10
N CYS D 23 17.86 -23.29 -5.41
CA CYS D 23 16.79 -22.56 -6.08
C CYS D 23 17.26 -21.21 -6.58
N ILE D 24 18.09 -20.51 -5.80
CA ILE D 24 18.65 -19.24 -6.24
C ILE D 24 19.58 -19.45 -7.42
N ILE D 25 20.41 -20.49 -7.37
CA ILE D 25 21.32 -20.79 -8.48
C ILE D 25 20.55 -21.11 -9.74
N ALA D 26 19.48 -21.92 -9.62
CA ALA D 26 18.68 -22.28 -10.78
C ALA D 26 18.01 -21.06 -11.39
N VAL D 27 17.45 -20.18 -10.56
CA VAL D 27 16.79 -18.98 -11.06
C VAL D 27 17.79 -18.07 -11.76
N ILE D 28 18.97 -17.88 -11.16
CA ILE D 28 19.96 -16.98 -11.73
C ILE D 28 20.49 -17.52 -13.05
N VAL D 29 20.77 -18.83 -13.10
CA VAL D 29 21.35 -19.42 -14.31
C VAL D 29 20.39 -19.28 -15.49
N ILE D 30 19.11 -19.61 -15.28
CA ILE D 30 18.12 -19.48 -16.35
C ILE D 30 17.93 -18.02 -16.72
N PHE D 31 17.92 -17.13 -15.72
CA PHE D 31 17.75 -15.70 -16.00
C PHE D 31 18.91 -15.16 -16.84
N LEU D 32 20.14 -15.58 -16.53
CA LEU D 32 21.29 -15.10 -17.29
C LEU D 32 21.27 -15.61 -18.72
N CYS D 33 20.79 -16.84 -18.93
CA CYS D 33 20.71 -17.37 -20.28
C CYS D 33 19.71 -16.60 -21.13
N LEU D 34 18.57 -16.23 -20.54
CA LEU D 34 17.51 -15.53 -21.26
C LEU D 34 17.57 -14.02 -21.10
N VAL D 35 18.58 -13.49 -20.41
CA VAL D 35 18.64 -12.03 -20.21
C VAL D 35 18.93 -11.31 -21.52
N TYR D 36 19.65 -11.96 -22.45
CA TYR D 36 19.95 -11.32 -23.72
C TYR D 36 18.69 -11.17 -24.57
N PHE D 37 17.84 -12.18 -24.57
CA PHE D 37 16.60 -12.16 -25.35
C PHE D 37 15.43 -11.62 -24.53
N ALA D 38 15.62 -10.45 -23.92
CA ALA D 38 14.57 -9.88 -23.07
C ALA D 38 13.41 -9.35 -23.90
N ASN D 39 13.70 -8.66 -25.00
CA ASN D 39 12.62 -8.14 -25.84
C ASN D 39 11.98 -9.24 -26.66
N ASP D 40 12.73 -10.29 -27.00
CA ASP D 40 12.17 -11.39 -27.78
C ASP D 40 11.04 -12.09 -27.03
N ILE D 41 11.22 -12.33 -25.73
CA ILE D 41 10.14 -12.88 -24.92
C ILE D 41 9.01 -11.87 -24.78
N TYR D 42 9.35 -10.58 -24.67
CA TYR D 42 8.32 -9.55 -24.61
C TYR D 42 7.57 -9.46 -25.92
N HIS D 43 8.24 -9.65 -27.05
CA HIS D 43 7.55 -9.68 -28.33
C HIS D 43 6.57 -10.84 -28.40
N LEU D 44 6.97 -12.01 -27.90
CA LEU D 44 6.06 -13.15 -27.84
C LEU D 44 4.90 -12.88 -26.90
N VAL D 45 5.18 -12.29 -25.74
CA VAL D 45 4.14 -12.01 -24.75
C VAL D 45 3.18 -10.94 -25.27
N SER D 46 3.72 -9.90 -25.92
CA SER D 46 2.89 -8.82 -26.43
C SER D 46 2.25 -9.12 -27.77
N ALA D 47 2.64 -10.21 -28.42
CA ALA D 47 2.05 -10.55 -29.72
C ALA D 47 0.53 -10.74 -29.66
N PRO D 48 -0.04 -11.44 -28.66
CA PRO D 48 -1.51 -11.51 -28.62
C PRO D 48 -2.19 -10.16 -28.52
N LEU D 49 -1.58 -9.19 -27.84
CA LEU D 49 -2.19 -7.87 -27.70
C LEU D 49 -1.94 -7.00 -28.93
N ILE D 50 -0.74 -7.08 -29.50
CA ILE D 50 -0.41 -6.25 -30.65
C ILE D 50 -1.30 -6.61 -31.83
N LYS D 51 -1.60 -7.89 -32.00
CA LYS D 51 -2.47 -8.32 -33.10
C LYS D 51 -3.87 -7.73 -32.95
N GLN D 52 -4.40 -7.69 -31.73
CA GLN D 52 -5.76 -7.24 -31.48
C GLN D 52 -5.85 -5.75 -31.16
N LEU D 53 -4.72 -5.03 -31.13
CA LEU D 53 -4.77 -3.61 -30.86
C LEU D 53 -5.47 -2.88 -32.01
N PRO D 54 -6.27 -1.86 -31.70
CA PRO D 54 -6.96 -1.12 -32.77
C PRO D 54 -5.98 -0.34 -33.64
N GLN D 55 -6.44 0.00 -34.83
CA GLN D 55 -5.62 0.75 -35.77
C GLN D 55 -5.28 2.12 -35.18
N GLY D 56 -4.01 2.50 -35.27
CA GLY D 56 -3.51 3.72 -34.67
C GLY D 56 -3.11 3.59 -33.23
N SER D 57 -3.42 2.47 -32.58
CA SER D 57 -3.11 2.25 -31.18
C SER D 57 -1.89 1.35 -31.06
N THR D 58 -0.89 1.82 -30.30
CA THR D 58 0.33 1.06 -30.04
C THR D 58 0.53 0.93 -28.54
N MET D 59 1.62 0.27 -28.16
CA MET D 59 2.01 0.16 -26.77
C MET D 59 2.87 1.36 -26.37
N ILE D 60 2.76 1.75 -25.11
CA ILE D 60 3.46 2.93 -24.60
C ILE D 60 4.20 2.56 -23.32
N ALA D 61 5.15 3.42 -22.95
CA ALA D 61 5.95 3.25 -21.74
C ALA D 61 5.91 4.57 -20.97
N THR D 62 5.05 4.64 -19.96
CA THR D 62 4.91 5.85 -19.16
C THR D 62 5.99 5.99 -18.09
N ASP D 63 6.72 4.93 -17.78
CA ASP D 63 7.78 4.97 -16.79
C ASP D 63 9.12 5.16 -17.47
N VAL D 64 10.02 5.88 -16.78
CA VAL D 64 11.31 6.21 -17.37
C VAL D 64 12.14 4.96 -17.62
N ALA D 65 12.19 4.07 -16.63
CA ALA D 65 12.98 2.84 -16.74
C ALA D 65 12.17 1.65 -17.24
N SER D 66 10.89 1.85 -17.55
CA SER D 66 10.08 0.76 -18.09
C SER D 66 10.64 0.16 -19.39
N PRO D 67 11.13 0.94 -20.37
CA PRO D 67 11.62 0.31 -21.59
C PRO D 67 12.72 -0.72 -21.37
N PHE D 68 13.52 -0.58 -20.31
CA PHE D 68 14.59 -1.52 -20.01
C PHE D 68 14.22 -2.52 -18.92
N PHE D 69 13.60 -2.05 -17.83
CA PHE D 69 13.39 -2.94 -16.68
C PHE D 69 12.26 -3.93 -16.93
N THR D 70 11.19 -3.48 -17.59
CA THR D 70 10.04 -4.36 -17.78
C THR D 70 10.36 -5.61 -18.58
N PRO D 71 11.08 -5.54 -19.72
CA PRO D 71 11.53 -6.80 -20.34
C PRO D 71 12.42 -7.63 -19.45
N ILE D 72 13.27 -6.98 -18.64
CA ILE D 72 14.11 -7.71 -17.70
C ILE D 72 13.25 -8.33 -16.60
N LYS D 73 12.21 -7.60 -16.16
CA LYS D 73 11.29 -8.16 -15.18
C LYS D 73 10.58 -9.38 -15.72
N LEU D 74 10.24 -9.37 -17.01
CA LEU D 74 9.63 -10.55 -17.63
C LEU D 74 10.57 -11.75 -17.56
N THR D 75 11.84 -11.55 -17.89
CA THR D 75 12.77 -12.67 -17.95
C THR D 75 12.98 -13.28 -16.56
N PHE D 76 12.99 -12.44 -15.52
CA PHE D 76 13.12 -12.96 -14.16
C PHE D 76 11.94 -13.82 -13.78
N MET D 77 10.72 -13.37 -14.11
CA MET D 77 9.54 -14.17 -13.83
C MET D 77 9.49 -15.42 -14.69
N VAL D 78 9.94 -15.32 -15.94
CA VAL D 78 9.98 -16.49 -16.81
C VAL D 78 10.93 -17.54 -16.24
N SER D 79 12.08 -17.09 -15.71
CA SER D 79 13.01 -18.02 -15.07
C SER D 79 12.39 -18.68 -13.85
N LEU D 80 11.58 -17.92 -13.09
CA LEU D 80 10.92 -18.49 -11.92
C LEU D 80 9.97 -19.62 -12.32
N ILE D 81 9.19 -19.42 -13.37
CA ILE D 81 8.29 -20.47 -13.84
C ILE D 81 9.09 -21.64 -14.41
N LEU D 82 10.15 -21.34 -15.16
CA LEU D 82 10.96 -22.40 -15.75
C LEU D 82 11.68 -23.21 -14.69
N SER D 83 12.10 -22.57 -13.60
CA SER D 83 12.79 -23.25 -12.52
C SER D 83 11.85 -23.80 -11.46
N ALA D 84 10.53 -23.69 -11.68
CA ALA D 84 9.57 -24.22 -10.72
C ALA D 84 9.76 -25.70 -10.40
N PRO D 85 10.03 -26.59 -11.38
CA PRO D 85 10.35 -27.98 -10.99
C PRO D 85 11.56 -28.08 -10.09
N VAL D 86 12.57 -27.22 -10.28
CA VAL D 86 13.73 -27.23 -9.41
C VAL D 86 13.37 -26.72 -8.03
N ILE D 87 12.59 -25.63 -7.96
CA ILE D 87 12.18 -25.08 -6.67
C ILE D 87 11.31 -26.08 -5.92
N LEU D 88 10.36 -26.72 -6.61
CA LEU D 88 9.49 -27.69 -5.96
C LEU D 88 10.26 -28.94 -5.56
N TYR D 89 11.30 -29.31 -6.31
CA TYR D 89 12.10 -30.47 -5.95
C TYR D 89 12.80 -30.28 -4.60
N GLN D 90 13.39 -29.10 -4.39
CA GLN D 90 14.10 -28.85 -3.14
C GLN D 90 13.15 -28.75 -1.95
N VAL D 91 11.96 -28.20 -2.15
CA VAL D 91 10.96 -28.18 -1.07
C VAL D 91 10.55 -29.61 -0.72
N TRP D 92 10.32 -30.46 -1.72
CA TRP D 92 10.00 -31.84 -1.46
C TRP D 92 11.16 -32.56 -0.76
N ALA D 93 12.39 -32.31 -1.22
CA ALA D 93 13.54 -32.98 -0.63
C ALA D 93 13.76 -32.57 0.81
N PHE D 94 13.51 -31.30 1.14
CA PHE D 94 13.63 -30.84 2.51
C PHE D 94 12.62 -31.52 3.42
N ILE D 95 11.39 -31.72 2.93
CA ILE D 95 10.35 -32.40 3.69
C ILE D 95 10.31 -33.90 3.42
N ALA D 96 11.20 -34.41 2.57
CA ALA D 96 11.24 -35.84 2.31
C ALA D 96 11.55 -36.68 3.55
N PRO D 97 12.53 -36.33 4.40
CA PRO D 97 12.75 -37.15 5.60
C PRO D 97 11.55 -37.24 6.51
N ALA D 98 10.68 -36.23 6.51
CA ALA D 98 9.45 -36.28 7.30
C ALA D 98 8.34 -37.05 6.61
N LEU D 99 8.57 -37.53 5.38
CA LEU D 99 7.55 -38.29 4.66
C LEU D 99 8.05 -39.69 4.35
N TYR D 100 8.64 -40.35 5.34
CA TYR D 100 9.10 -41.73 5.21
C TYR D 100 7.98 -42.74 5.44
N LYS D 101 6.75 -42.27 5.65
CA LYS D 101 5.61 -43.11 5.95
C LYS D 101 5.01 -43.76 4.70
N HIS D 102 5.78 -43.84 3.61
CA HIS D 102 5.45 -44.42 2.31
C HIS D 102 4.55 -43.49 1.49
N GLU D 103 4.25 -42.29 1.98
CA GLU D 103 3.57 -41.30 1.17
C GLU D 103 4.51 -40.59 0.20
N ARG D 104 5.82 -40.82 0.33
CA ARG D 104 6.78 -40.22 -0.59
C ARG D 104 6.61 -40.76 -2.00
N ARG D 105 6.27 -42.05 -2.12
CA ARG D 105 6.12 -42.66 -3.44
C ARG D 105 5.00 -42.01 -4.24
N LEU D 106 3.89 -41.68 -3.57
CA LEU D 106 2.75 -41.10 -4.27
C LEU D 106 2.98 -39.65 -4.66
N VAL D 107 3.73 -38.90 -3.85
CA VAL D 107 3.88 -37.47 -4.11
C VAL D 107 4.96 -37.17 -5.14
N VAL D 108 5.83 -38.12 -5.46
CA VAL D 108 6.86 -37.89 -6.47
C VAL D 108 6.26 -37.62 -7.84
N PRO D 109 5.32 -38.43 -8.38
CA PRO D 109 4.72 -38.09 -9.66
C PRO D 109 3.65 -37.02 -9.53
N LEU D 110 3.06 -36.90 -8.34
CA LEU D 110 2.01 -35.91 -8.11
C LEU D 110 2.55 -34.49 -8.28
N LEU D 111 3.74 -34.22 -7.74
CA LEU D 111 4.37 -32.93 -7.98
C LEU D 111 4.78 -32.76 -9.43
N VAL D 112 5.22 -33.85 -10.07
CA VAL D 112 5.53 -33.79 -11.50
C VAL D 112 4.26 -33.51 -12.30
N SER D 113 3.16 -34.20 -11.97
CA SER D 113 1.90 -33.95 -12.65
C SER D 113 1.36 -32.56 -12.34
N SER D 114 1.63 -32.04 -11.16
CA SER D 114 1.22 -30.68 -10.81
C SER D 114 2.03 -29.61 -11.54
N SER D 115 3.11 -29.99 -12.21
CA SER D 115 3.93 -29.04 -12.96
C SER D 115 3.42 -28.84 -14.38
N LEU D 116 3.03 -29.93 -15.05
CA LEU D 116 2.49 -29.81 -16.40
C LEU D 116 1.18 -29.04 -16.40
N LEU D 117 0.34 -29.26 -15.39
CA LEU D 117 -0.96 -28.58 -15.34
C LEU D 117 -0.79 -27.08 -15.26
N PHE D 118 0.24 -26.61 -14.56
CA PHE D 118 0.54 -25.18 -14.54
C PHE D 118 0.94 -24.69 -15.93
N TYR D 119 1.74 -25.48 -16.65
CA TYR D 119 2.19 -25.06 -17.97
C TYR D 119 1.07 -25.16 -19.00
N ILE D 120 0.20 -26.16 -18.87
CA ILE D 120 -0.94 -26.26 -19.77
C ILE D 120 -1.90 -25.09 -19.57
N GLY D 121 -2.05 -24.66 -18.31
CA GLY D 121 -2.89 -23.50 -18.04
C GLY D 121 -2.38 -22.23 -18.70
N MET D 122 -1.07 -22.00 -18.61
CA MET D 122 -0.48 -20.85 -19.28
C MET D 122 -0.62 -20.96 -20.80
N ALA D 123 -0.40 -22.16 -21.35
CA ALA D 123 -0.57 -22.36 -22.78
C ALA D 123 -2.02 -22.13 -23.20
N PHE D 124 -2.97 -22.60 -22.38
CA PHE D 124 -4.37 -22.37 -22.69
C PHE D 124 -4.71 -20.89 -22.65
N ALA D 125 -4.21 -20.17 -21.65
CA ALA D 125 -4.46 -18.73 -21.59
C ALA D 125 -3.79 -18.00 -22.75
N TYR D 126 -2.54 -18.35 -23.06
CA TYR D 126 -1.82 -17.65 -24.12
C TYR D 126 -2.44 -17.90 -25.49
N PHE D 127 -2.85 -19.13 -25.76
CA PHE D 127 -3.28 -19.50 -27.11
C PHE D 127 -4.78 -19.36 -27.32
N VAL D 128 -5.59 -19.66 -26.31
CA VAL D 128 -7.04 -19.65 -26.44
C VAL D 128 -7.66 -18.39 -25.84
N VAL D 129 -7.21 -18.00 -24.64
CA VAL D 129 -7.87 -16.92 -23.92
C VAL D 129 -7.29 -15.55 -24.29
N PHE D 130 -5.97 -15.45 -24.40
CA PHE D 130 -5.35 -14.15 -24.70
C PHE D 130 -5.83 -13.55 -26.01
N PRO D 131 -5.88 -14.28 -27.13
CA PRO D 131 -6.48 -13.67 -28.34
C PRO D 131 -7.94 -13.28 -28.16
N LEU D 132 -8.71 -14.07 -27.40
CA LEU D 132 -10.11 -13.76 -27.20
C LEU D 132 -10.31 -12.60 -26.24
N ALA D 133 -9.54 -12.55 -25.15
CA ALA D 133 -9.67 -11.47 -24.19
C ALA D 133 -9.21 -10.14 -24.78
N PHE D 134 -8.03 -10.14 -25.41
CA PHE D 134 -7.51 -8.90 -25.96
C PHE D 134 -8.29 -8.44 -27.19
N GLY D 135 -8.86 -9.38 -27.95
CA GLY D 135 -9.69 -9.00 -29.08
C GLY D 135 -10.97 -8.30 -28.67
N PHE D 136 -11.41 -8.49 -27.44
CA PHE D 136 -12.59 -7.82 -26.89
C PHE D 136 -12.24 -6.60 -26.05
N LEU D 137 -11.24 -6.73 -25.17
CA LEU D 137 -10.89 -5.63 -24.28
C LEU D 137 -10.35 -4.43 -25.06
N ALA D 138 -9.54 -4.68 -26.08
CA ALA D 138 -8.95 -3.58 -26.83
C ALA D 138 -10.01 -2.82 -27.63
N ASN D 139 -10.86 -3.53 -28.36
CA ASN D 139 -11.86 -2.90 -29.21
C ASN D 139 -13.21 -2.76 -28.51
N THR D 140 -13.19 -2.22 -27.28
CA THR D 140 -14.41 -1.93 -26.57
C THR D 140 -14.36 -0.60 -25.83
N ALA D 141 -13.34 0.22 -26.08
CA ALA D 141 -13.17 1.46 -25.35
C ALA D 141 -14.29 2.44 -25.67
N PRO D 142 -14.63 3.34 -24.74
CA PRO D 142 -15.63 4.37 -25.02
C PRO D 142 -15.17 5.29 -26.14
N GLU D 143 -16.14 5.93 -26.79
CA GLU D 143 -15.84 6.82 -27.90
C GLU D 143 -14.93 7.96 -27.45
N GLY D 144 -13.93 8.26 -28.27
CA GLY D 144 -12.95 9.28 -27.93
C GLY D 144 -11.82 8.84 -27.04
N VAL D 145 -11.75 7.56 -26.70
CA VAL D 145 -10.72 7.02 -25.82
C VAL D 145 -9.72 6.24 -26.67
N GLN D 146 -8.44 6.60 -26.55
CA GLN D 146 -7.37 5.96 -27.30
C GLN D 146 -6.73 4.88 -26.45
N VAL D 147 -6.73 3.65 -26.94
CA VAL D 147 -6.18 2.53 -26.18
C VAL D 147 -4.68 2.47 -26.37
N SER D 148 -3.94 3.15 -25.49
CA SER D 148 -2.48 3.16 -25.48
C SER D 148 -2.04 2.39 -24.25
N THR D 149 -1.87 1.08 -24.40
CA THR D 149 -1.60 0.20 -23.28
C THR D 149 -0.16 0.37 -22.80
N ASP D 150 0.01 0.69 -21.53
CA ASP D 150 1.33 0.76 -20.94
C ASP D 150 1.95 -0.64 -20.85
N ILE D 151 3.22 -0.74 -21.23
CA ILE D 151 3.89 -2.04 -21.22
C ILE D 151 4.15 -2.53 -19.80
N ALA D 152 4.19 -1.62 -18.82
CA ALA D 152 4.35 -2.04 -17.43
C ALA D 152 3.07 -2.66 -16.88
N SER D 153 1.93 -2.04 -17.18
CA SER D 153 0.65 -2.59 -16.71
C SER D 153 0.28 -3.87 -17.45
N TYR D 154 0.71 -4.00 -18.70
CA TYR D 154 0.42 -5.21 -19.46
C TYR D 154 1.12 -6.43 -18.85
N LEU D 155 2.35 -6.26 -18.38
CA LEU D 155 3.08 -7.38 -17.79
C LEU D 155 2.38 -7.90 -16.53
N SER D 156 1.90 -6.98 -15.69
CA SER D 156 1.15 -7.39 -14.50
C SER D 156 -0.14 -8.11 -14.88
N PHE D 157 -0.84 -7.60 -15.90
CA PHE D 157 -2.06 -8.25 -16.36
C PHE D 157 -1.75 -9.65 -16.91
N VAL D 158 -0.67 -9.78 -17.67
CA VAL D 158 -0.31 -11.07 -18.24
C VAL D 158 0.05 -12.07 -17.15
N MET D 159 0.86 -11.63 -16.17
CA MET D 159 1.26 -12.53 -15.09
C MET D 159 0.08 -12.91 -14.20
N ALA D 160 -0.85 -11.98 -13.98
CA ALA D 160 -2.03 -12.30 -13.19
C ALA D 160 -2.85 -13.39 -13.87
N LEU D 161 -3.03 -13.29 -15.19
CA LEU D 161 -3.79 -14.30 -15.92
C LEU D 161 -3.04 -15.63 -15.98
N PHE D 162 -1.71 -15.59 -16.17
CA PHE D 162 -0.94 -16.82 -16.18
C PHE D 162 -0.99 -17.52 -14.83
N MET D 163 -0.88 -16.76 -13.74
CA MET D 163 -1.03 -17.35 -12.42
C MET D 163 -2.44 -17.86 -12.20
N ALA D 164 -3.44 -17.08 -12.63
CA ALA D 164 -4.83 -17.48 -12.42
C ALA D 164 -5.16 -18.77 -13.16
N PHE D 165 -4.74 -18.88 -14.42
CA PHE D 165 -5.09 -20.05 -15.22
C PHE D 165 -4.27 -21.27 -14.84
N GLY D 166 -3.01 -21.08 -14.45
CA GLY D 166 -2.21 -22.20 -13.98
C GLY D 166 -2.75 -22.78 -12.70
N VAL D 167 -3.14 -21.92 -11.75
CA VAL D 167 -3.78 -22.39 -10.52
C VAL D 167 -5.15 -22.97 -10.84
N SER D 168 -5.86 -22.39 -11.81
CA SER D 168 -7.20 -22.84 -12.15
C SER D 168 -7.20 -24.28 -12.63
N PHE D 169 -6.17 -24.68 -13.39
CA PHE D 169 -6.13 -26.03 -13.92
C PHE D 169 -5.85 -27.05 -12.83
N GLU D 170 -5.06 -26.68 -11.81
CA GLU D 170 -4.69 -27.65 -10.78
C GLU D 170 -5.84 -27.94 -9.82
N VAL D 171 -6.75 -26.98 -9.62
CA VAL D 171 -7.76 -27.13 -8.58
C VAL D 171 -8.70 -28.32 -8.84
N PRO D 172 -9.31 -28.47 -10.02
CA PRO D 172 -10.21 -29.63 -10.21
C PRO D 172 -9.51 -30.97 -10.05
N VAL D 173 -8.28 -31.10 -10.55
CA VAL D 173 -7.57 -32.36 -10.42
C VAL D 173 -7.17 -32.61 -8.97
N ALA D 174 -6.80 -31.55 -8.26
CA ALA D 174 -6.49 -31.69 -6.83
C ALA D 174 -7.72 -32.15 -6.05
N ILE D 175 -8.88 -31.56 -6.34
CA ILE D 175 -10.10 -31.97 -5.65
C ILE D 175 -10.43 -33.42 -5.98
N VAL D 176 -10.32 -33.81 -7.25
CA VAL D 176 -10.64 -35.18 -7.65
C VAL D 176 -9.69 -36.16 -6.98
N LEU D 177 -8.40 -35.85 -6.97
CA LEU D 177 -7.42 -36.77 -6.41
C LEU D 177 -7.64 -36.99 -4.92
N LEU D 178 -7.89 -35.91 -4.16
CA LEU D 178 -8.19 -36.06 -2.74
C LEU D 178 -9.49 -36.80 -2.52
N CYS D 179 -10.52 -36.48 -3.32
CA CYS D 179 -11.82 -37.14 -3.18
C CYS D 179 -11.83 -38.55 -3.75
N TRP D 180 -10.78 -38.97 -4.46
CA TRP D 180 -10.78 -40.28 -5.08
C TRP D 180 -10.42 -41.38 -4.09
N MET D 181 -9.21 -41.32 -3.53
CA MET D 181 -8.70 -42.48 -2.80
C MET D 181 -9.18 -42.54 -1.35
N GLY D 182 -8.71 -41.62 -0.51
CA GLY D 182 -9.03 -41.74 0.90
C GLY D 182 -9.36 -40.49 1.69
N ILE D 183 -9.10 -39.30 1.13
CA ILE D 183 -9.06 -38.09 1.94
C ILE D 183 -10.45 -37.50 2.12
N THR D 184 -11.14 -37.22 1.02
CA THR D 184 -12.44 -36.56 1.06
C THR D 184 -13.45 -37.32 0.22
N SER D 185 -14.70 -36.91 0.35
CA SER D 185 -15.81 -37.42 -0.43
C SER D 185 -16.62 -36.24 -0.95
N PRO D 186 -17.38 -36.43 -2.03
CA PRO D 186 -18.21 -35.33 -2.54
C PRO D 186 -19.15 -34.75 -1.49
N GLU D 187 -19.66 -35.57 -0.57
CA GLU D 187 -20.54 -35.06 0.48
C GLU D 187 -19.83 -34.07 1.39
N ASP D 188 -18.59 -34.40 1.78
CA ASP D 188 -17.84 -33.52 2.67
C ASP D 188 -17.53 -32.18 2.01
N LEU D 189 -17.15 -32.20 0.73
CA LEU D 189 -16.84 -30.95 0.05
C LEU D 189 -18.08 -30.12 -0.20
N ARG D 190 -19.24 -30.77 -0.39
CA ARG D 190 -20.48 -30.03 -0.57
C ARG D 190 -20.89 -29.30 0.70
N LYS D 191 -20.69 -29.93 1.86
CA LYS D 191 -21.04 -29.30 3.13
C LYS D 191 -20.06 -28.20 3.53
N LYS D 192 -18.91 -28.10 2.85
CA LYS D 192 -17.97 -27.02 3.07
C LYS D 192 -18.09 -25.93 2.02
N ARG D 193 -19.17 -25.95 1.24
CA ARG D 193 -19.36 -24.93 0.20
C ARG D 193 -19.44 -23.51 0.76
N PRO D 194 -20.21 -23.22 1.82
CA PRO D 194 -20.23 -21.84 2.32
C PRO D 194 -18.87 -21.33 2.79
N TYR D 195 -18.03 -22.21 3.33
CA TYR D 195 -16.74 -21.78 3.85
C TYR D 195 -15.74 -21.50 2.74
N VAL D 196 -15.87 -22.20 1.60
CA VAL D 196 -14.99 -21.93 0.46
C VAL D 196 -15.28 -20.55 -0.12
N LEU D 197 -16.56 -20.17 -0.16
CA LEU D 197 -16.93 -18.86 -0.71
C LEU D 197 -16.27 -17.73 0.08
N VAL D 198 -16.30 -17.81 1.42
CA VAL D 198 -15.60 -16.83 2.23
C VAL D 198 -14.09 -17.00 2.07
N GLY D 199 -13.62 -18.25 1.96
CA GLY D 199 -12.21 -18.48 1.75
C GLY D 199 -11.72 -17.96 0.40
N ALA D 200 -12.58 -18.06 -0.62
CA ALA D 200 -12.23 -17.52 -1.92
C ALA D 200 -12.04 -16.01 -1.86
N PHE D 201 -12.92 -15.31 -1.14
CA PHE D 201 -12.78 -13.87 -0.97
C PHE D 201 -11.51 -13.53 -0.20
N VAL D 202 -11.20 -14.30 0.85
CA VAL D 202 -9.99 -14.05 1.63
C VAL D 202 -8.75 -14.29 0.77
N VAL D 203 -8.73 -15.40 0.04
CA VAL D 203 -7.59 -15.72 -0.81
C VAL D 203 -7.45 -14.67 -1.91
N GLY D 204 -8.56 -14.28 -2.53
CA GLY D 204 -8.52 -13.24 -3.54
C GLY D 204 -8.09 -11.89 -3.00
N MET D 205 -8.50 -11.57 -1.77
CA MET D 205 -8.12 -10.30 -1.18
C MET D 205 -6.60 -10.21 -1.00
N LEU D 206 -5.97 -11.30 -0.58
CA LEU D 206 -4.53 -11.33 -0.40
C LEU D 206 -3.76 -11.47 -1.71
N LEU D 207 -4.45 -11.70 -2.82
CA LEU D 207 -3.80 -11.86 -4.12
C LEU D 207 -4.08 -10.71 -5.07
N THR D 208 -5.14 -9.94 -4.86
CA THR D 208 -5.50 -8.81 -5.70
C THR D 208 -5.03 -7.51 -5.09
N PRO D 209 -4.85 -6.46 -5.90
CA PRO D 209 -4.51 -5.14 -5.35
C PRO D 209 -5.64 -4.63 -4.48
N PRO D 210 -5.37 -3.62 -3.63
CA PRO D 210 -6.41 -3.15 -2.71
C PRO D 210 -7.57 -2.47 -3.42
N ASP D 211 -8.42 -3.28 -4.05
CA ASP D 211 -9.57 -2.78 -4.80
C ASP D 211 -10.68 -3.81 -4.67
N VAL D 212 -11.85 -3.38 -4.21
CA VAL D 212 -12.97 -4.28 -3.92
C VAL D 212 -13.43 -4.97 -5.21
N PHE D 213 -13.33 -4.28 -6.34
CA PHE D 213 -13.75 -4.86 -7.61
C PHE D 213 -12.87 -6.05 -7.99
N SER D 214 -11.56 -5.93 -7.77
CA SER D 214 -10.64 -7.01 -8.13
C SER D 214 -10.85 -8.25 -7.27
N GLN D 215 -11.02 -8.08 -5.96
CA GLN D 215 -11.24 -9.23 -5.08
C GLN D 215 -12.56 -9.92 -5.41
N THR D 216 -13.61 -9.14 -5.66
CA THR D 216 -14.89 -9.69 -6.06
C THR D 216 -14.83 -10.42 -7.39
N LEU D 217 -13.93 -10.03 -8.28
CA LEU D 217 -13.83 -10.63 -9.61
C LEU D 217 -12.94 -11.86 -9.65
N LEU D 218 -11.91 -11.94 -8.81
CA LEU D 218 -11.05 -13.12 -8.81
C LEU D 218 -11.59 -14.24 -7.92
N ALA D 219 -12.40 -13.92 -6.90
CA ALA D 219 -12.90 -14.93 -5.99
C ALA D 219 -13.95 -15.84 -6.62
N ILE D 220 -14.80 -15.30 -7.50
CA ILE D 220 -15.84 -16.11 -8.13
C ILE D 220 -15.25 -17.26 -8.94
N PRO D 221 -14.22 -17.08 -9.77
CA PRO D 221 -13.65 -18.24 -10.46
C PRO D 221 -13.19 -19.36 -9.52
N MET D 222 -12.62 -19.00 -8.37
CA MET D 222 -12.19 -20.03 -7.42
C MET D 222 -13.36 -20.86 -6.93
N TYR D 223 -14.49 -20.21 -6.61
CA TYR D 223 -15.69 -20.95 -6.25
C TYR D 223 -16.20 -21.78 -7.42
N CYS D 224 -16.12 -21.23 -8.64
CA CYS D 224 -16.53 -21.99 -9.82
C CYS D 224 -15.62 -23.19 -10.04
N LEU D 225 -14.30 -23.01 -9.87
CA LEU D 225 -13.37 -24.12 -10.03
C LEU D 225 -13.61 -25.19 -8.97
N PHE D 226 -13.92 -24.78 -7.73
CA PHE D 226 -14.25 -25.75 -6.70
C PHE D 226 -15.56 -26.46 -7.00
N GLU D 227 -16.50 -25.78 -7.67
CA GLU D 227 -17.78 -26.39 -7.96
C GLU D 227 -17.66 -27.51 -8.99
N ILE D 228 -16.92 -27.26 -10.07
CA ILE D 228 -16.77 -28.30 -11.10
C ILE D 228 -15.95 -29.46 -10.58
N GLY D 229 -14.96 -29.19 -9.72
CA GLY D 229 -14.17 -30.27 -9.15
C GLY D 229 -15.02 -31.23 -8.31
N VAL D 230 -15.94 -30.67 -7.52
CA VAL D 230 -16.88 -31.52 -6.78
C VAL D 230 -17.77 -32.29 -7.74
N PHE D 231 -18.22 -31.62 -8.80
CA PHE D 231 -19.05 -32.29 -9.80
C PHE D 231 -18.29 -33.44 -10.47
N PHE D 232 -17.02 -33.22 -10.80
CA PHE D 232 -16.24 -34.25 -11.48
C PHE D 232 -15.92 -35.42 -10.55
N SER D 233 -15.75 -35.16 -9.25
CA SER D 233 -15.41 -36.23 -8.32
C SER D 233 -16.54 -37.25 -8.20
N ARG D 234 -17.79 -36.81 -8.43
CA ARG D 234 -18.91 -37.75 -8.37
C ARG D 234 -18.87 -38.75 -9.51
N PHE D 235 -18.31 -38.37 -10.66
CA PHE D 235 -18.24 -39.24 -11.83
C PHE D 235 -17.17 -40.32 -11.70
N TYR D 236 -16.47 -40.37 -10.57
CA TYR D 236 -15.47 -41.42 -10.33
C TYR D 236 -16.13 -42.78 -10.29
N MET E 1 4.03 2.95 7.44
CA MET E 1 4.32 1.78 6.62
C MET E 1 5.21 2.15 5.43
N PHE E 2 6.43 1.63 5.45
CA PHE E 2 7.47 1.99 4.49
C PHE E 2 7.50 1.04 3.30
N ASP E 3 6.35 0.87 2.66
CA ASP E 3 6.20 0.04 1.46
C ASP E 3 6.70 -1.38 1.72
N ILE E 4 6.04 -2.04 2.67
CA ILE E 4 6.34 -3.43 2.99
C ILE E 4 5.60 -4.34 2.03
N GLY E 5 6.30 -5.36 1.53
CA GLY E 5 5.70 -6.32 0.63
C GLY E 5 5.93 -7.75 1.13
N PHE E 6 5.20 -8.68 0.51
CA PHE E 6 5.33 -10.09 0.88
C PHE E 6 6.63 -10.67 0.35
N SER E 7 6.87 -10.54 -0.96
CA SER E 7 8.12 -11.02 -1.54
C SER E 7 9.31 -10.24 -1.01
N GLU E 8 9.11 -8.97 -0.67
CA GLU E 8 10.19 -8.17 -0.09
C GLU E 8 10.62 -8.72 1.27
N LEU E 9 9.66 -9.09 2.12
CA LEU E 9 9.97 -9.66 3.42
C LEU E 9 10.52 -11.07 3.33
N LEU E 10 10.07 -11.86 2.35
CA LEU E 10 10.58 -13.22 2.20
C LEU E 10 12.03 -13.21 1.71
N LEU E 11 12.38 -12.23 0.89
CA LEU E 11 13.75 -12.14 0.37
C LEU E 11 14.75 -11.91 1.49
N VAL E 12 14.42 -11.02 2.44
CA VAL E 12 15.31 -10.75 3.57
C VAL E 12 15.55 -12.03 4.36
N PHE E 13 14.50 -12.83 4.56
CA PHE E 13 14.67 -14.13 5.20
C PHE E 13 15.51 -15.05 4.33
N ILE E 14 15.28 -15.05 3.02
CA ILE E 14 16.05 -15.90 2.12
C ILE E 14 17.49 -15.40 2.03
N ILE E 15 17.68 -14.10 1.83
CA ILE E 15 19.03 -13.54 1.79
C ILE E 15 19.70 -13.68 3.15
N GLY E 16 18.96 -13.39 4.22
CA GLY E 16 19.54 -13.49 5.56
C GLY E 16 19.98 -14.89 5.91
N LEU E 17 19.15 -15.90 5.55
CA LEU E 17 19.53 -17.28 5.85
C LEU E 17 20.78 -17.69 5.08
N VAL E 18 20.88 -17.32 3.80
CA VAL E 18 22.03 -17.71 3.00
C VAL E 18 23.28 -16.99 3.48
N VAL E 19 23.20 -15.67 3.68
CA VAL E 19 24.38 -14.89 4.04
C VAL E 19 24.83 -15.20 5.46
N LEU E 20 23.88 -15.25 6.40
CA LEU E 20 24.23 -15.42 7.81
C LEU E 20 24.37 -16.89 8.20
N GLY E 21 23.52 -17.76 7.67
CA GLY E 21 23.53 -19.15 8.01
C GLY E 21 22.76 -19.44 9.28
N PRO E 22 22.57 -20.71 9.61
CA PRO E 22 21.87 -21.05 10.85
C PRO E 22 22.78 -21.03 12.07
N GLN E 23 23.64 -20.01 12.15
CA GLN E 23 24.45 -19.76 13.33
C GLN E 23 24.54 -18.29 13.69
N ARG E 24 24.16 -17.38 12.79
CA ARG E 24 24.28 -15.95 13.02
C ARG E 24 22.93 -15.26 12.83
N LEU E 25 22.09 -15.83 11.96
CA LEU E 25 20.76 -15.26 11.74
C LEU E 25 19.89 -15.29 12.99
N PRO E 26 19.75 -16.40 13.73
CA PRO E 26 18.96 -16.35 14.96
C PRO E 26 19.50 -15.38 15.99
N VAL E 27 20.83 -15.22 16.05
CA VAL E 27 21.41 -14.22 16.94
C VAL E 27 21.03 -12.81 16.48
N ALA E 28 21.01 -12.60 15.16
CA ALA E 28 20.58 -11.30 14.62
C ALA E 28 19.12 -11.02 14.97
N VAL E 29 18.26 -12.04 14.88
CA VAL E 29 16.86 -11.86 15.24
C VAL E 29 16.72 -11.48 16.71
N LYS E 30 17.47 -12.17 17.59
CA LYS E 30 17.46 -11.83 19.00
C LYS E 30 18.00 -10.41 19.23
N THR E 31 19.08 -10.05 18.53
CA THR E 31 19.62 -8.70 18.65
C THR E 31 18.62 -7.66 18.14
N VAL E 32 17.98 -7.94 17.00
CA VAL E 32 16.97 -7.02 16.48
C VAL E 32 15.80 -6.92 17.44
N ALA E 33 15.35 -8.05 17.99
CA ALA E 33 14.26 -8.02 18.97
C ALA E 33 14.67 -7.27 20.23
N GLY E 34 15.95 -7.31 20.60
CA GLY E 34 16.40 -6.54 21.74
C GLY E 34 16.27 -5.04 21.52
N TRP E 35 16.50 -4.59 20.29
CA TRP E 35 16.33 -3.18 19.96
C TRP E 35 14.87 -2.75 20.13
N ILE E 36 13.93 -3.61 19.72
CA ILE E 36 12.51 -3.30 19.89
C ILE E 36 12.16 -3.25 21.37
N ARG E 37 12.77 -4.12 22.17
CA ARG E 37 12.52 -4.10 23.62
C ARG E 37 12.99 -2.78 24.23
N ALA E 38 14.14 -2.28 23.79
CA ALA E 38 14.63 -1.00 24.29
C ALA E 38 13.70 0.14 23.89
N LEU E 39 13.18 0.10 22.65
CA LEU E 39 12.24 1.11 22.22
C LEU E 39 10.96 1.05 23.04
N ARG E 40 10.45 -0.15 23.31
CA ARG E 40 9.28 -0.29 24.16
C ARG E 40 9.58 0.17 25.58
N SER E 41 10.76 -0.14 26.10
CA SER E 41 11.15 0.35 27.42
C SER E 41 11.23 1.86 27.44
N LEU E 42 11.81 2.47 26.40
CA LEU E 42 11.84 3.92 26.32
C LEU E 42 10.43 4.50 26.18
N ALA E 43 9.59 3.87 25.36
CA ALA E 43 8.22 4.35 25.19
C ALA E 43 7.42 4.23 26.50
N THR E 44 7.59 3.12 27.22
CA THR E 44 6.89 2.96 28.49
C THR E 44 7.36 3.98 29.51
N THR E 45 8.68 4.22 29.58
CA THR E 45 9.21 5.17 30.55
C THR E 45 8.80 6.60 30.21
N VAL E 46 8.91 6.98 28.93
CA VAL E 46 8.61 8.35 28.53
C VAL E 46 7.13 8.67 28.76
N GLN E 47 6.25 7.74 28.39
CA GLN E 47 4.81 7.99 28.51
C GLN E 47 4.41 8.20 29.98
N ASN E 48 4.94 7.36 30.87
CA ASN E 48 4.62 7.52 32.29
C ASN E 48 5.28 8.77 32.88
N GLU E 49 6.54 9.02 32.52
CA GLU E 49 7.24 10.18 33.07
C GLU E 49 6.62 11.48 32.58
N LEU E 50 6.24 11.54 31.30
CA LEU E 50 5.59 12.74 30.78
C LEU E 50 4.26 12.99 31.47
N THR E 51 3.48 11.93 31.69
CA THR E 51 2.22 12.07 32.43
C THR E 51 2.49 12.49 33.87
N GLN E 52 3.53 11.95 34.48
CA GLN E 52 3.90 12.32 35.85
C GLN E 52 4.36 13.76 35.96
N GLU E 53 4.67 14.42 34.84
CA GLU E 53 5.06 15.82 34.85
C GLU E 53 3.90 16.77 34.55
N LEU E 54 2.95 16.35 33.71
CA LEU E 54 1.81 17.20 33.41
C LEU E 54 0.79 17.20 34.56
N LYS E 55 0.37 16.00 34.98
CA LYS E 55 -0.76 15.91 35.92
C LYS E 55 -0.37 16.40 37.31
N LEU E 56 0.79 15.97 37.82
CA LEU E 56 1.15 16.31 39.19
C LEU E 56 1.51 17.79 39.34
N GLN E 57 2.24 18.35 38.36
CA GLN E 57 2.60 19.75 38.43
C GLN E 57 1.36 20.64 38.37
N GLU E 58 0.42 20.31 37.49
CA GLU E 58 -0.83 21.05 37.44
C GLU E 58 -1.63 20.89 38.73
N PHE E 59 -1.70 19.66 39.25
CA PHE E 59 -2.43 19.42 40.49
C PHE E 59 -1.74 20.06 41.69
N GLN E 60 -0.41 20.11 41.70
CA GLN E 60 0.30 20.71 42.82
C GLN E 60 -0.02 22.20 42.94
N ASP E 61 -0.11 22.90 41.80
CA ASP E 61 -0.46 24.32 41.84
C ASP E 61 -1.87 24.54 42.36
N SER E 62 -2.77 23.57 42.16
CA SER E 62 -4.12 23.70 42.68
C SER E 62 -4.13 23.70 44.20
N LEU E 63 -3.29 22.86 44.81
CA LEU E 63 -3.20 22.80 46.27
C LEU E 63 -2.56 24.07 46.84
N MET F 1 2.94 -6.38 2.70
CA MET F 1 1.77 -7.17 3.06
C MET F 1 1.02 -7.65 1.83
N PHE F 2 -0.10 -8.34 2.04
CA PHE F 2 -0.88 -8.91 0.94
C PHE F 2 -1.98 -7.95 0.48
N ASP F 3 -1.61 -6.70 0.22
CA ASP F 3 -2.51 -5.69 -0.34
C ASP F 3 -3.82 -5.60 0.44
N ILE F 4 -3.70 -5.21 1.70
CA ILE F 4 -4.85 -5.12 2.59
C ILE F 4 -5.56 -3.79 2.39
N GLY F 5 -6.88 -3.83 2.24
CA GLY F 5 -7.68 -2.64 2.07
C GLY F 5 -8.85 -2.60 3.04
N PHE F 6 -9.51 -1.44 3.07
CA PHE F 6 -10.65 -1.26 3.96
C PHE F 6 -11.91 -1.90 3.39
N SER F 7 -12.28 -1.53 2.17
CA SER F 7 -13.47 -2.12 1.54
C SER F 7 -13.30 -3.61 1.32
N GLU F 8 -12.06 -4.05 1.09
CA GLU F 8 -11.81 -5.48 0.93
C GLU F 8 -12.10 -6.25 2.22
N LEU F 9 -11.68 -5.71 3.36
CA LEU F 9 -11.94 -6.36 4.65
C LEU F 9 -13.41 -6.28 5.06
N LEU F 10 -14.09 -5.19 4.70
CA LEU F 10 -15.51 -5.07 5.04
C LEU F 10 -16.35 -6.07 4.25
N LEU F 11 -15.95 -6.35 3.01
CA LEU F 11 -16.71 -7.27 2.17
C LEU F 11 -16.73 -8.68 2.76
N VAL F 12 -15.58 -9.15 3.25
CA VAL F 12 -15.54 -10.47 3.85
C VAL F 12 -16.47 -10.56 5.05
N PHE F 13 -16.49 -9.50 5.87
CA PHE F 13 -17.46 -9.46 6.97
C PHE F 13 -18.89 -9.41 6.44
N ILE F 14 -19.13 -8.63 5.38
CA ILE F 14 -20.47 -8.56 4.80
C ILE F 14 -20.82 -9.89 4.11
N ILE F 15 -19.90 -10.41 3.30
CA ILE F 15 -20.14 -11.68 2.63
C ILE F 15 -20.22 -12.81 3.65
N GLY F 16 -19.30 -12.82 4.62
CA GLY F 16 -19.30 -13.87 5.63
C GLY F 16 -20.56 -13.88 6.46
N LEU F 17 -21.05 -12.70 6.84
CA LEU F 17 -22.29 -12.64 7.63
C LEU F 17 -23.47 -13.18 6.85
N VAL F 18 -23.57 -12.83 5.56
CA VAL F 18 -24.71 -13.29 4.76
C VAL F 18 -24.63 -14.79 4.52
N VAL F 19 -23.45 -15.28 4.12
CA VAL F 19 -23.32 -16.70 3.78
C VAL F 19 -23.40 -17.58 5.01
N LEU F 20 -22.70 -17.20 6.09
CA LEU F 20 -22.62 -18.03 7.27
C LEU F 20 -23.76 -17.77 8.26
N GLY F 21 -24.14 -16.50 8.45
CA GLY F 21 -25.18 -16.15 9.37
C GLY F 21 -24.67 -16.07 10.80
N PRO F 22 -25.55 -15.69 11.73
CA PRO F 22 -25.14 -15.64 13.14
C PRO F 22 -25.26 -17.00 13.81
N GLN F 23 -24.82 -18.04 13.11
CA GLN F 23 -24.71 -19.38 13.69
C GLN F 23 -23.46 -20.11 13.29
N ARG F 24 -22.73 -19.66 12.26
CA ARG F 24 -21.55 -20.35 11.76
C ARG F 24 -20.38 -19.37 11.65
N LEU F 25 -20.69 -18.09 11.44
CA LEU F 25 -19.64 -17.08 11.37
C LEU F 25 -18.86 -16.93 12.67
N PRO F 26 -19.49 -16.80 13.84
CA PRO F 26 -18.70 -16.74 15.08
C PRO F 26 -17.86 -17.97 15.32
N VAL F 27 -18.34 -19.15 14.90
CA VAL F 27 -17.53 -20.36 15.00
C VAL F 27 -16.33 -20.27 14.06
N ALA F 28 -16.53 -19.70 12.87
CA ALA F 28 -15.41 -19.51 11.95
C ALA F 28 -14.37 -18.57 12.53
N VAL F 29 -14.81 -17.49 13.18
CA VAL F 29 -13.87 -16.56 13.80
C VAL F 29 -13.09 -17.26 14.91
N LYS F 30 -13.78 -18.05 15.74
CA LYS F 30 -13.10 -18.80 16.79
C LYS F 30 -12.15 -19.84 16.20
N THR F 31 -12.60 -20.53 15.15
CA THR F 31 -11.74 -21.53 14.51
C THR F 31 -10.51 -20.88 13.87
N VAL F 32 -10.70 -19.74 13.20
CA VAL F 32 -9.58 -19.02 12.62
C VAL F 32 -8.63 -18.54 13.70
N ALA F 33 -9.18 -18.00 14.79
CA ALA F 33 -8.36 -17.55 15.91
C ALA F 33 -7.57 -18.71 16.53
N GLY F 34 -8.13 -19.92 16.48
CA GLY F 34 -7.40 -21.08 16.98
C GLY F 34 -6.17 -21.37 16.14
N TRP F 35 -6.26 -21.16 14.82
CA TRP F 35 -5.09 -21.33 13.97
C TRP F 35 -3.99 -20.33 14.31
N ILE F 36 -4.37 -19.09 14.60
CA ILE F 36 -3.39 -18.08 14.99
C ILE F 36 -2.74 -18.46 16.32
N ARG F 37 -3.52 -19.01 17.26
CA ARG F 37 -2.95 -19.46 18.51
C ARG F 37 -1.96 -20.59 18.29
N ALA F 38 -2.28 -21.52 17.38
CA ALA F 38 -1.36 -22.60 17.07
C ALA F 38 -0.07 -22.08 16.46
N LEU F 39 -0.18 -21.09 15.57
CA LEU F 39 1.02 -20.47 14.99
C LEU F 39 1.85 -19.78 16.06
N ARG F 40 1.19 -19.07 16.98
CA ARG F 40 1.90 -18.44 18.08
C ARG F 40 2.53 -19.49 18.99
N SER F 41 1.82 -20.59 19.25
CA SER F 41 2.37 -21.67 20.04
C SER F 41 3.60 -22.28 19.37
N LEU F 42 3.51 -22.49 18.05
CA LEU F 42 4.68 -22.99 17.31
C LEU F 42 5.80 -21.96 17.32
N ALA F 43 5.47 -20.69 17.13
CA ALA F 43 6.50 -19.64 17.15
C ALA F 43 7.14 -19.52 18.53
N THR F 44 6.33 -19.60 19.59
CA THR F 44 6.89 -19.53 20.94
C THR F 44 7.80 -20.71 21.23
N THR F 45 7.40 -21.91 20.82
CA THR F 45 8.22 -23.09 21.06
C THR F 45 9.49 -23.06 20.22
N VAL F 46 9.37 -22.77 18.92
CA VAL F 46 10.51 -22.83 18.02
C VAL F 46 11.57 -21.82 18.43
N GLN F 47 11.16 -20.61 18.79
CA GLN F 47 12.12 -19.58 19.17
C GLN F 47 12.89 -19.98 20.43
N ASN F 48 12.22 -20.59 21.41
CA ASN F 48 12.90 -20.98 22.63
C ASN F 48 13.85 -22.15 22.39
N GLU F 49 13.41 -23.17 21.67
CA GLU F 49 14.27 -24.32 21.41
C GLU F 49 15.42 -23.96 20.48
N LEU F 50 15.21 -23.04 19.55
CA LEU F 50 16.30 -22.59 18.69
C LEU F 50 17.42 -21.95 19.52
N THR F 51 17.06 -21.08 20.46
CA THR F 51 18.04 -20.51 21.36
C THR F 51 18.64 -21.58 22.27
N GLN F 52 17.80 -22.52 22.73
CA GLN F 52 18.27 -23.57 23.63
C GLN F 52 19.23 -24.53 22.96
N GLU F 53 19.30 -24.54 21.62
CA GLU F 53 20.26 -25.35 20.89
C GLU F 53 21.52 -24.57 20.53
N LEU F 54 21.42 -23.25 20.36
CA LEU F 54 22.59 -22.46 20.02
C LEU F 54 23.46 -22.18 21.24
N LYS F 55 22.86 -21.58 22.28
CA LYS F 55 23.65 -21.04 23.39
C LYS F 55 24.28 -22.14 24.22
N LEU F 56 23.50 -23.19 24.56
CA LEU F 56 24.02 -24.25 25.42
C LEU F 56 25.09 -25.08 24.72
N GLN F 57 24.85 -25.43 23.44
CA GLN F 57 25.82 -26.24 22.72
C GLN F 57 27.14 -25.51 22.56
N GLU F 58 27.10 -24.21 22.26
CA GLU F 58 28.32 -23.41 22.24
C GLU F 58 28.94 -23.30 23.62
N PHE F 59 28.11 -23.09 24.65
CA PHE F 59 28.64 -22.97 26.00
C PHE F 59 29.12 -24.30 26.56
N GLN F 60 28.48 -25.41 26.18
CA GLN F 60 28.92 -26.72 26.65
C GLN F 60 30.32 -27.04 26.18
N ASP F 61 30.64 -26.70 24.93
CA ASP F 61 31.99 -26.93 24.41
C ASP F 61 33.02 -26.11 25.16
N SER F 62 32.63 -24.93 25.67
CA SER F 62 33.56 -24.12 26.44
C SER F 62 33.98 -24.82 27.73
N LEU F 63 33.04 -25.49 28.38
CA LEU F 63 33.33 -26.20 29.62
C LEU F 63 34.18 -27.44 29.35
#